data_7OZA
#
_entry.id   7OZA
#
_cell.length_a   73.180
_cell.length_b   88.950
_cell.length_c   87.910
_cell.angle_alpha   90.000
_cell.angle_beta   112.050
_cell.angle_gamma   90.000
#
_symmetry.space_group_name_H-M   'P 1 21 1'
#
loop_
_entity.id
_entity.type
_entity.pdbx_description
1 polymer 'Putative secreted sulfatase ydeN'
2 non-polymer 'HEXAETHYLENE GLYCOL'
3 non-polymer 4-O-sulfo-beta-D-galactopyranose
4 non-polymer 'CALCIUM ION'
5 non-polymer '2-(N-MORPHOLINO)-ETHANESULFONIC ACID'
6 non-polymer 'POLYETHYLENE GLYCOL (N=34)'
7 non-polymer 'CHLORIDE ION'
8 water water
#
_entity_poly.entity_id   1
_entity_poly.type   'polypeptide(L)'
_entity_poly.pdbx_seq_one_letter_code
;MGSSHHHHHHSSGLVPRGSHMASQTQKSAQTQRVDKRPNIILFMVDDMGWQDTSLPFWTQKTDYNKLYETPNMERLAKQG
MMFTQAYASSISSPTRCSLITGTNAARHRVTNWTLQKNTKTDRKDKVLDVPDWNYNGVSQVPGTNNTFVGTSFVQLLKDS
GYHTIHCGKAHFGAIDTPGEDPHHWGFEVNIAGHAAGGLASYLGEENYGHNKDGKPISLMAVPGLEKYWGTETFVTEALT
LEAIKALNKAKKYNQPFYLYMSQYAIHVPLDKDKRFYDKYKKKGMTDHEAAYATLIEGMDKSLGDLMDWLEKSGEADNTI
IIFMSDNGGLAAESYWRDGKLHTQNHPLNSGKGSTYEGGIREPMIVSWPGVVAPGSKCNDYLLIEDFYPTILEMAGIKKY
KTVQPIDGISFMPLLKQTRNPSKGRSLFWNMPNNWGNDGPGINFNCAVRKGDWKLIYYYGTGKKELFNIPDDIGESNDLS
AQHPDIVKRLSKELGTYLRKVDAQRPTVKATGKPCPWPDEIK
;
_entity_poly.pdbx_strand_id   AAA,CCC
#
loop_
_chem_comp.id
_chem_comp.type
_chem_comp.name
_chem_comp.formula
15P non-polymer 'POLYETHYLENE GLYCOL (N=34)' 'C69 H140 O35'
CA non-polymer 'CALCIUM ION' 'Ca 2'
CL non-polymer 'CHLORIDE ION' 'Cl -1'
G4S D-saccharide, beta linking 4-O-sulfo-beta-D-galactopyranose 'C6 H12 O9 S'
MES non-polymer '2-(N-MORPHOLINO)-ETHANESULFONIC ACID' 'C6 H13 N O4 S'
P6G non-polymer 'HEXAETHYLENE GLYCOL' 'C12 H26 O7'
#
# COMPACT_ATOMS: atom_id res chain seq x y z
N ASP A 35 -23.28 -8.99 -1.17
CA ASP A 35 -22.14 -8.69 -2.08
C ASP A 35 -21.78 -9.95 -2.90
N LYS A 36 -22.25 -10.03 -4.14
CA LYS A 36 -22.14 -11.24 -4.98
C LYS A 36 -20.91 -11.15 -5.88
N ARG A 37 -20.00 -10.17 -5.70
CA ARG A 37 -18.89 -9.97 -6.68
C ARG A 37 -17.88 -11.11 -6.57
N PRO A 38 -17.34 -11.57 -7.71
CA PRO A 38 -16.40 -12.69 -7.71
C PRO A 38 -15.00 -12.28 -7.23
N ASN A 39 -14.32 -13.23 -6.57
CA ASN A 39 -12.86 -13.09 -6.42
C ASN A 39 -12.24 -13.24 -7.80
N ILE A 40 -11.06 -12.67 -7.98
CA ILE A 40 -10.35 -12.77 -9.27
C ILE A 40 -8.88 -13.06 -9.01
N ILE A 41 -8.38 -14.13 -9.64
CA ILE A 41 -6.94 -14.46 -9.64
C ILE A 41 -6.42 -14.33 -11.06
N LEU A 42 -5.45 -13.43 -11.25
CA LEU A 42 -4.67 -13.36 -12.51
C LEU A 42 -3.34 -14.05 -12.23
N PHE A 43 -3.20 -15.25 -12.77
CA PHE A 43 -2.02 -16.12 -12.60
C PHE A 43 -1.16 -15.94 -13.85
N MET A 44 -0.07 -15.20 -13.68
CA MET A 44 0.79 -14.78 -14.80
C MET A 44 2.14 -15.48 -14.68
N VAL A 45 2.54 -16.17 -15.73
CA VAL A 45 3.86 -16.84 -15.77
C VAL A 45 4.83 -16.00 -16.58
N ASP A 46 6.10 -16.00 -16.20
CA ASP A 46 7.16 -15.22 -16.86
C ASP A 46 7.77 -16.07 -17.96
N ASP A 47 7.84 -15.59 -19.20
CA ASP A 47 8.65 -16.20 -20.28
C ASP A 47 8.15 -17.61 -20.59
N MET A 48 6.86 -17.86 -20.44
CA MET A 48 6.31 -19.20 -20.77
C MET A 48 5.73 -19.20 -22.18
N GLY A 49 6.26 -20.06 -23.05
CA GLY A 49 5.81 -20.20 -24.43
C GLY A 49 4.52 -20.99 -24.58
N TRP A 50 3.95 -20.92 -25.77
CA TRP A 50 2.67 -21.55 -26.19
C TRP A 50 2.72 -23.07 -26.01
N GLN A 51 3.91 -23.66 -26.02
CA GLN A 51 4.11 -25.13 -25.95
C GLN A 51 4.81 -25.54 -24.65
N ASP A 52 4.97 -24.63 -23.68
CA ASP A 52 5.71 -24.90 -22.42
C ASP A 52 4.74 -25.48 -21.39
N THR A 53 4.05 -26.55 -21.77
CA THR A 53 2.91 -27.11 -21.00
C THR A 53 2.57 -28.49 -21.56
N SER A 54 1.93 -29.35 -20.77
CA SER A 54 1.37 -30.63 -21.27
C SER A 54 0.02 -30.40 -21.95
N LEU A 55 -0.57 -29.21 -21.79
CA LEU A 55 -1.89 -28.90 -22.38
C LEU A 55 -1.67 -28.45 -23.81
N PRO A 56 -2.16 -29.18 -24.83
CA PRO A 56 -1.94 -28.79 -26.22
C PRO A 56 -2.80 -27.59 -26.64
N PHE A 57 -2.14 -26.49 -27.03
CA PHE A 57 -2.80 -25.28 -27.58
C PHE A 57 -2.86 -25.34 -29.11
N TRP A 58 -2.07 -26.23 -29.71
CA TRP A 58 -2.06 -26.48 -31.17
C TRP A 58 -3.06 -27.60 -31.50
N THR A 59 -3.03 -28.11 -32.72
CA THR A 59 -4.04 -29.03 -33.33
C THR A 59 -3.73 -30.47 -32.93
N GLN A 60 -2.59 -30.70 -32.32
CA GLN A 60 -2.12 -32.03 -31.88
C GLN A 60 -1.07 -31.81 -30.81
N LYS A 61 -0.65 -32.88 -30.14
CA LYS A 61 0.41 -32.84 -29.13
C LYS A 61 1.75 -32.72 -29.85
N THR A 62 2.60 -31.82 -29.36
CA THR A 62 4.02 -31.68 -29.74
C THR A 62 4.87 -32.56 -28.82
N ASP A 63 6.16 -32.72 -29.18
CA ASP A 63 7.15 -33.39 -28.31
C ASP A 63 7.18 -32.64 -26.97
N TYR A 64 7.10 -31.31 -26.96
CA TYR A 64 7.10 -30.50 -25.73
C TYR A 64 5.90 -30.87 -24.84
N ASN A 65 4.71 -31.04 -25.43
CA ASN A 65 3.50 -31.38 -24.65
C ASN A 65 3.69 -32.76 -23.99
N LYS A 66 4.46 -33.64 -24.61
CA LYS A 66 4.69 -35.00 -24.06
C LYS A 66 5.82 -35.00 -23.03
N LEU A 67 6.73 -34.02 -23.05
CA LEU A 67 7.88 -33.91 -22.12
C LEU A 67 7.48 -33.15 -20.85
N TYR A 68 6.84 -32.00 -20.98
CA TYR A 68 6.49 -31.14 -19.82
C TYR A 68 5.26 -31.72 -19.12
N GLU A 69 5.06 -31.32 -17.88
CA GLU A 69 3.99 -31.86 -17.00
C GLU A 69 3.29 -30.69 -16.32
N THR A 70 2.09 -30.34 -16.76
CA THR A 70 1.25 -29.29 -16.14
C THR A 70 -0.15 -29.84 -15.93
N PRO A 71 -0.33 -30.80 -15.01
CA PRO A 71 -1.65 -31.38 -14.78
C PRO A 71 -2.70 -30.39 -14.27
N ASN A 72 -2.28 -29.35 -13.54
CA ASN A 72 -3.26 -28.36 -13.01
C ASN A 72 -3.71 -27.42 -14.13
N MET A 73 -2.88 -27.20 -15.14
CA MET A 73 -3.33 -26.42 -16.34
C MET A 73 -4.39 -27.24 -17.06
N GLU A 74 -4.21 -28.57 -17.15
CA GLU A 74 -5.20 -29.45 -17.80
C GLU A 74 -6.50 -29.42 -16.98
N ARG A 75 -6.39 -29.45 -15.65
CA ARG A 75 -7.53 -29.34 -14.70
C ARG A 75 -8.26 -28.00 -14.91
N LEU A 76 -7.50 -26.91 -15.04
CA LEU A 76 -8.10 -25.57 -15.26
C LEU A 76 -8.84 -25.54 -16.61
N ALA A 77 -8.24 -26.09 -17.66
CA ALA A 77 -8.88 -26.13 -19.00
C ALA A 77 -10.16 -26.95 -18.94
N LYS A 78 -10.17 -28.06 -18.17
CA LYS A 78 -11.35 -28.92 -18.07
C LYS A 78 -12.50 -28.14 -17.42
N GLN A 79 -12.21 -27.17 -16.55
CA GLN A 79 -13.29 -26.39 -15.89
C GLN A 79 -13.53 -25.03 -16.56
N GLY A 80 -12.85 -24.68 -17.66
CA GLY A 80 -12.96 -23.35 -18.27
C GLY A 80 -12.69 -23.35 -19.76
N MET A 81 -12.22 -22.21 -20.25
CA MET A 81 -12.06 -21.91 -21.68
C MET A 81 -10.58 -21.68 -21.96
N MET A 82 -10.06 -22.42 -22.95
CA MET A 82 -8.70 -22.19 -23.49
C MET A 82 -8.76 -21.12 -24.56
N PHE A 83 -7.80 -20.20 -24.56
CA PHE A 83 -7.64 -19.22 -25.65
C PHE A 83 -6.42 -19.62 -26.47
N THR A 84 -6.62 -20.01 -27.73
CA THR A 84 -5.55 -20.59 -28.58
C THR A 84 -4.88 -19.53 -29.45
N GLN A 85 -5.34 -18.28 -29.39
CA GLN A 85 -4.73 -17.18 -30.17
C GLN A 85 -4.67 -15.93 -29.28
N ALA A 86 -4.09 -16.05 -28.10
CA ALA A 86 -3.94 -14.93 -27.14
C ALA A 86 -2.56 -14.30 -27.30
N TYR A 87 -2.50 -12.98 -27.42
CA TYR A 87 -1.22 -12.28 -27.67
C TYR A 87 -0.81 -11.34 -26.55
N ALA A 88 0.49 -11.27 -26.40
CA ALA A 88 1.21 -10.29 -25.57
C ALA A 88 2.18 -9.53 -26.49
N SER A 89 2.99 -8.66 -25.91
CA SER A 89 4.24 -8.20 -26.56
C SER A 89 5.32 -9.25 -26.31
N SER A 90 6.50 -9.06 -26.86
CA SER A 90 7.53 -10.13 -26.90
C SER A 90 8.55 -9.99 -25.76
N ILE A 91 8.38 -8.97 -24.92
N ILE A 91 8.38 -8.97 -24.92
CA ILE A 91 9.29 -8.64 -23.78
CA ILE A 91 9.28 -8.66 -23.76
C ILE A 91 8.40 -8.28 -22.58
C ILE A 91 8.40 -8.27 -22.58
N SER A 92 8.87 -8.56 -21.37
N SER A 92 8.86 -8.55 -21.36
CA SER A 92 8.11 -8.40 -20.10
CA SER A 92 8.10 -8.40 -20.10
C SER A 92 7.48 -7.01 -20.00
C SER A 92 7.48 -7.01 -19.98
N SER A 93 8.30 -5.95 -20.11
CA SER A 93 7.88 -4.57 -19.81
C SER A 93 6.71 -4.13 -20.69
N PRO A 94 6.78 -4.23 -22.04
CA PRO A 94 5.65 -3.80 -22.84
C PRO A 94 4.38 -4.58 -22.50
N THR A 95 4.49 -5.87 -22.21
CA THR A 95 3.27 -6.65 -21.86
C THR A 95 2.70 -6.19 -20.53
N ARG A 96 3.53 -6.14 -19.50
CA ARG A 96 3.06 -5.86 -18.11
C ARG A 96 2.58 -4.40 -17.99
N CYS A 97 3.24 -3.47 -18.68
CA CYS A 97 2.79 -2.06 -18.69
C CYS A 97 1.46 -1.94 -19.45
N SER A 98 1.28 -2.72 -20.50
CA SER A 98 -0.02 -2.79 -21.24
C SER A 98 -1.11 -3.37 -20.34
N LEU A 99 -0.80 -4.44 -19.58
CA LEU A 99 -1.78 -5.03 -18.64
C LEU A 99 -2.27 -3.97 -17.64
N ILE A 100 -1.34 -3.29 -16.97
CA ILE A 100 -1.70 -2.48 -15.77
C ILE A 100 -2.33 -1.13 -16.19
N THR A 101 -2.04 -0.68 -17.42
CA THR A 101 -2.57 0.61 -17.93
C THR A 101 -3.64 0.40 -19.02
N GLY A 102 -3.80 -0.78 -19.59
CA GLY A 102 -4.82 -1.03 -20.62
C GLY A 102 -4.50 -0.29 -21.93
N THR A 103 -3.23 0.03 -22.16
CA THR A 103 -2.81 0.74 -23.39
C THR A 103 -1.95 -0.21 -24.24
N ASN A 104 -1.99 -0.01 -25.55
CA ASN A 104 -1.11 -0.72 -26.52
C ASN A 104 0.33 -0.25 -26.29
N ALA A 105 1.30 -1.13 -26.43
CA ALA A 105 2.73 -0.86 -26.18
C ALA A 105 3.21 0.28 -27.12
N ALA A 106 2.68 0.39 -28.34
CA ALA A 106 3.09 1.48 -29.25
C ALA A 106 2.77 2.84 -28.61
N ARG A 107 1.67 2.92 -27.86
CA ARG A 107 1.25 4.16 -27.16
C ARG A 107 2.11 4.39 -25.92
N HIS A 108 2.23 3.40 -25.02
CA HIS A 108 2.88 3.66 -23.71
C HIS A 108 4.41 3.78 -23.85
N ARG A 109 4.98 3.28 -24.95
CA ARG A 109 6.40 3.42 -25.33
C ARG A 109 7.34 2.75 -24.34
N VAL A 110 6.83 1.84 -23.49
CA VAL A 110 7.77 1.02 -22.67
C VAL A 110 8.05 -0.23 -23.50
N THR A 111 8.87 -0.12 -24.53
CA THR A 111 8.93 -1.09 -25.65
C THR A 111 10.17 -1.96 -25.54
N ASN A 112 10.95 -1.82 -24.47
CA ASN A 112 11.99 -2.79 -24.11
C ASN A 112 11.97 -2.95 -22.57
N TRP A 113 12.78 -3.84 -22.05
CA TRP A 113 12.74 -4.14 -20.59
C TRP A 113 13.37 -3.02 -19.77
N THR A 114 12.79 -2.79 -18.60
CA THR A 114 13.25 -1.74 -17.66
C THR A 114 14.03 -2.36 -16.52
N LEU A 115 14.97 -1.60 -15.95
CA LEU A 115 15.57 -1.92 -14.63
C LEU A 115 16.07 -0.63 -13.99
N GLN A 116 17.12 -0.01 -14.57
CA GLN A 116 17.79 1.13 -13.91
C GLN A 116 17.14 2.44 -14.35
N LYS A 117 17.01 3.35 -13.40
CA LYS A 117 16.43 4.68 -13.68
C LYS A 117 17.23 5.38 -14.79
N ASN A 118 16.53 5.96 -15.74
CA ASN A 118 17.09 6.84 -16.79
C ASN A 118 18.13 6.08 -17.62
N THR A 119 18.03 4.76 -17.68
CA THR A 119 19.06 3.88 -18.33
C THR A 119 18.37 2.98 -19.34
N LYS A 120 18.60 3.23 -20.62
CA LYS A 120 18.18 2.32 -21.72
C LYS A 120 18.93 1.00 -21.61
N THR A 121 18.22 -0.12 -21.65
CA THR A 121 18.81 -1.48 -21.66
C THR A 121 19.16 -1.86 -23.10
N ASP A 122 18.78 -1.07 -24.10
CA ASP A 122 19.01 -1.43 -25.53
C ASP A 122 20.49 -1.65 -25.78
N ARG A 123 20.79 -2.65 -26.59
CA ARG A 123 22.13 -2.89 -27.20
C ARG A 123 22.36 -1.82 -28.26
N LYS A 124 23.56 -1.24 -28.33
CA LYS A 124 23.89 -0.23 -29.37
C LYS A 124 23.93 -0.96 -30.73
N ASP A 125 23.47 -0.26 -31.78
CA ASP A 125 23.45 -0.73 -33.18
C ASP A 125 24.34 0.18 -34.04
N LYS A 126 24.97 -0.36 -35.09
CA LYS A 126 25.87 0.37 -36.03
C LYS A 126 25.05 1.38 -36.83
N VAL A 127 23.79 1.09 -37.15
CA VAL A 127 23.00 1.82 -38.19
C VAL A 127 21.95 2.72 -37.57
N LEU A 128 21.25 2.21 -36.55
CA LEU A 128 20.04 2.86 -35.98
C LEU A 128 20.30 3.26 -34.54
N ASP A 129 19.69 4.38 -34.14
CA ASP A 129 19.53 4.77 -32.72
C ASP A 129 18.10 4.41 -32.31
N VAL A 130 17.93 3.92 -31.08
CA VAL A 130 16.58 3.70 -30.52
C VAL A 130 16.04 5.09 -30.19
N PRO A 131 14.71 5.27 -30.21
CA PRO A 131 14.10 6.50 -29.74
C PRO A 131 14.28 6.65 -28.23
N ASP A 132 13.94 7.84 -27.75
CA ASP A 132 13.97 8.18 -26.31
C ASP A 132 12.67 7.65 -25.71
N TRP A 133 12.63 6.34 -25.50
CA TRP A 133 11.42 5.59 -25.13
C TRP A 133 11.21 5.69 -23.61
N ASN A 134 10.12 5.11 -23.10
CA ASN A 134 9.72 5.31 -21.68
C ASN A 134 10.44 4.24 -20.84
N TYR A 135 11.76 4.36 -20.72
CA TYR A 135 12.61 3.37 -19.99
C TYR A 135 12.47 3.50 -18.47
N ASN A 136 11.73 4.47 -17.94
CA ASN A 136 11.37 4.50 -16.49
C ASN A 136 10.09 3.71 -16.23
N GLY A 137 9.41 3.25 -17.28
CA GLY A 137 8.20 2.41 -17.19
C GLY A 137 6.92 3.23 -17.08
N VAL A 138 6.00 2.78 -16.25
CA VAL A 138 4.68 3.41 -16.04
C VAL A 138 4.57 3.85 -14.58
N SER A 139 3.64 4.77 -14.33
CA SER A 139 3.23 5.20 -12.98
C SER A 139 1.81 5.73 -13.07
N GLN A 140 1.21 6.06 -11.93
CA GLN A 140 -0.11 6.70 -11.88
C GLN A 140 0.05 8.22 -11.71
N VAL A 141 1.28 8.74 -11.71
CA VAL A 141 1.52 10.16 -11.33
C VAL A 141 2.43 10.85 -12.32
N PRO A 142 2.22 12.16 -12.55
CA PRO A 142 3.16 12.94 -13.36
C PRO A 142 4.47 13.21 -12.59
N GLY A 143 5.42 13.89 -13.26
CA GLY A 143 6.61 14.44 -12.62
C GLY A 143 7.91 13.77 -13.04
N THR A 144 7.87 12.57 -13.63
CA THR A 144 9.11 11.86 -14.04
C THR A 144 9.18 11.72 -15.56
N ASN A 145 10.33 12.07 -16.12
CA ASN A 145 10.65 11.88 -17.55
C ASN A 145 10.54 10.41 -17.94
N ASN A 146 10.29 10.15 -19.22
CA ASN A 146 10.41 8.80 -19.81
C ASN A 146 9.51 7.82 -19.05
N THR A 147 8.33 8.27 -18.66
CA THR A 147 7.30 7.47 -17.93
C THR A 147 5.97 7.66 -18.65
N PHE A 148 5.25 6.57 -18.87
CA PHE A 148 3.83 6.67 -19.28
C PHE A 148 2.94 6.69 -18.04
N VAL A 149 2.03 7.64 -17.97
CA VAL A 149 1.14 7.82 -16.80
C VAL A 149 -0.22 7.21 -17.14
N GLY A 150 -0.67 6.28 -16.29
CA GLY A 150 -1.99 5.67 -16.48
C GLY A 150 -2.65 5.28 -15.18
N THR A 151 -3.97 5.37 -15.17
CA THR A 151 -4.83 4.88 -14.08
C THR A 151 -4.74 3.35 -14.07
N SER A 152 -4.39 2.81 -12.91
CA SER A 152 -4.23 1.35 -12.69
C SER A 152 -5.60 0.67 -12.55
N PHE A 153 -5.86 -0.44 -13.25
CA PHE A 153 -7.13 -1.19 -13.02
C PHE A 153 -7.14 -1.73 -11.57
N VAL A 154 -5.97 -1.98 -10.98
CA VAL A 154 -5.91 -2.51 -9.59
C VAL A 154 -6.36 -1.41 -8.63
N GLN A 155 -6.02 -0.16 -8.91
CA GLN A 155 -6.48 0.99 -8.11
C GLN A 155 -8.00 1.08 -8.18
N LEU A 156 -8.56 0.90 -9.37
CA LEU A 156 -10.04 0.92 -9.54
C LEU A 156 -10.68 -0.24 -8.78
N LEU A 157 -10.05 -1.42 -8.78
CA LEU A 157 -10.59 -2.57 -8.00
C LEU A 157 -10.60 -2.20 -6.51
N LYS A 158 -9.48 -1.70 -6.00
CA LYS A 158 -9.38 -1.33 -4.57
C LYS A 158 -10.43 -0.27 -4.23
N ASP A 159 -10.55 0.74 -5.09
CA ASP A 159 -11.48 1.88 -4.86
C ASP A 159 -12.92 1.32 -4.78
N SER A 160 -13.22 0.23 -5.51
CA SER A 160 -14.56 -0.42 -5.54
C SER A 160 -14.77 -1.32 -4.33
N GLY A 161 -13.74 -1.54 -3.52
CA GLY A 161 -13.87 -2.34 -2.27
C GLY A 161 -13.21 -3.71 -2.34
N TYR A 162 -12.47 -4.04 -3.39
CA TYR A 162 -11.66 -5.27 -3.45
C TYR A 162 -10.48 -5.14 -2.51
N HIS A 163 -10.13 -6.27 -1.87
CA HIS A 163 -8.83 -6.45 -1.20
C HIS A 163 -7.83 -6.92 -2.25
N THR A 164 -6.70 -6.23 -2.39
CA THR A 164 -5.77 -6.43 -3.54
C THR A 164 -4.43 -6.96 -3.04
N ILE A 165 -4.01 -8.08 -3.63
CA ILE A 165 -2.77 -8.80 -3.28
C ILE A 165 -1.90 -8.96 -4.53
N HIS A 166 -0.66 -8.51 -4.41
CA HIS A 166 0.42 -8.73 -5.40
C HIS A 166 1.37 -9.79 -4.86
N CYS A 167 1.67 -10.80 -5.68
CA CYS A 167 2.65 -11.84 -5.31
C CYS A 167 3.59 -12.12 -6.48
N GLY A 168 4.87 -11.84 -6.29
CA GLY A 168 5.91 -12.19 -7.27
C GLY A 168 6.38 -10.99 -8.10
N LYS A 169 6.52 -11.21 -9.39
CA LYS A 169 7.18 -10.25 -10.32
C LYS A 169 6.25 -9.08 -10.60
N ALA A 170 6.73 -7.87 -10.34
CA ALA A 170 6.00 -6.60 -10.62
C ALA A 170 6.54 -6.01 -11.93
N HIS A 171 7.72 -5.41 -11.90
CA HIS A 171 8.39 -4.96 -13.14
C HIS A 171 7.53 -3.94 -13.90
N PHE A 172 6.95 -2.96 -13.19
CA PHE A 172 6.15 -1.88 -13.82
C PHE A 172 6.94 -0.58 -13.95
N GLY A 173 7.90 -0.33 -13.06
CA GLY A 173 8.67 0.93 -13.04
C GLY A 173 10.13 0.64 -12.80
N ALA A 174 11.01 1.50 -13.29
CA ALA A 174 12.46 1.38 -13.03
C ALA A 174 12.72 1.61 -11.54
N ILE A 175 13.86 1.11 -11.07
CA ILE A 175 14.37 1.42 -9.71
C ILE A 175 14.30 2.93 -9.48
N ASP A 176 13.90 3.35 -8.28
CA ASP A 176 13.90 4.77 -7.83
C ASP A 176 12.85 5.58 -8.60
N THR A 177 11.84 4.91 -9.17
CA THR A 177 10.63 5.58 -9.73
C THR A 177 9.42 5.05 -8.98
N PRO A 178 8.33 5.83 -8.87
CA PRO A 178 7.21 5.44 -8.01
C PRO A 178 6.59 4.08 -8.41
N GLY A 179 6.62 3.76 -9.70
CA GLY A 179 6.05 2.50 -10.23
C GLY A 179 6.81 1.26 -9.77
N GLU A 180 7.98 1.39 -9.15
CA GLU A 180 8.75 0.20 -8.71
C GLU A 180 7.97 -0.55 -7.62
N ASP A 181 7.17 0.13 -6.83
CA ASP A 181 6.49 -0.41 -5.63
C ASP A 181 5.09 -0.88 -6.02
N PRO A 182 4.74 -2.18 -5.90
CA PRO A 182 3.37 -2.63 -6.14
C PRO A 182 2.27 -1.84 -5.41
N HIS A 183 2.55 -1.33 -4.21
CA HIS A 183 1.56 -0.52 -3.44
C HIS A 183 1.17 0.75 -4.23
N HIS A 184 2.06 1.23 -5.09
CA HIS A 184 1.77 2.43 -5.92
C HIS A 184 0.57 2.15 -6.81
N TRP A 185 0.42 0.87 -7.22
CA TRP A 185 -0.56 0.40 -8.23
C TRP A 185 -1.93 0.15 -7.63
N GLY A 186 -2.07 0.23 -6.30
CA GLY A 186 -3.34 -0.05 -5.61
C GLY A 186 -3.37 -1.42 -4.93
N PHE A 187 -2.24 -2.11 -4.89
CA PHE A 187 -2.14 -3.39 -4.11
C PHE A 187 -1.96 -3.07 -2.64
N GLU A 188 -2.76 -3.69 -1.77
CA GLU A 188 -2.64 -3.54 -0.30
C GLU A 188 -1.52 -4.42 0.22
N VAL A 189 -1.43 -5.64 -0.31
CA VAL A 189 -0.38 -6.61 0.08
C VAL A 189 0.62 -6.75 -1.06
N ASN A 190 1.90 -6.73 -0.70
CA ASN A 190 3.00 -7.02 -1.65
C ASN A 190 3.84 -8.15 -1.07
N ILE A 191 3.87 -9.28 -1.78
CA ILE A 191 4.83 -10.38 -1.54
C ILE A 191 5.85 -10.32 -2.68
N ALA A 192 7.08 -9.91 -2.39
CA ALA A 192 8.28 -10.09 -3.23
C ALA A 192 8.31 -9.24 -4.52
N GLY A 193 7.44 -8.26 -4.68
CA GLY A 193 7.41 -7.41 -5.90
C GLY A 193 8.27 -6.18 -5.77
N HIS A 194 8.98 -5.81 -6.85
CA HIS A 194 9.85 -4.62 -6.89
C HIS A 194 10.09 -4.24 -8.35
N ALA A 195 11.11 -3.42 -8.64
CA ALA A 195 11.38 -2.95 -10.01
C ALA A 195 11.82 -4.11 -10.90
N ALA A 196 12.48 -5.12 -10.33
CA ALA A 196 13.23 -6.12 -11.12
C ALA A 196 12.25 -7.03 -11.86
N GLY A 197 12.62 -7.43 -13.07
CA GLY A 197 11.83 -8.38 -13.88
C GLY A 197 12.53 -9.72 -14.02
N GLY A 198 13.52 -9.97 -13.18
CA GLY A 198 14.17 -11.29 -13.07
C GLY A 198 14.38 -11.64 -11.62
N LEU A 199 15.13 -12.70 -11.38
CA LEU A 199 15.45 -13.18 -10.02
C LEU A 199 16.88 -13.70 -9.99
N ALA A 200 17.55 -13.53 -8.86
CA ALA A 200 18.98 -13.86 -8.69
C ALA A 200 19.11 -15.38 -8.50
N SER A 201 18.13 -16.01 -7.85
CA SER A 201 18.17 -17.45 -7.51
C SER A 201 16.78 -17.94 -7.14
N TYR A 202 16.45 -19.15 -7.57
CA TYR A 202 15.22 -19.86 -7.15
C TYR A 202 15.40 -20.52 -5.77
N LEU A 203 16.62 -20.59 -5.21
CA LEU A 203 16.90 -21.50 -4.06
C LEU A 203 16.79 -20.77 -2.71
N GLY A 204 16.01 -21.35 -1.79
CA GLY A 204 15.95 -20.92 -0.39
C GLY A 204 17.31 -21.00 0.27
N GLU A 205 18.12 -21.99 -0.11
CA GLU A 205 19.46 -22.23 0.49
C GLU A 205 20.41 -21.09 0.09
N GLU A 206 20.08 -20.34 -0.98
CA GLU A 206 20.88 -19.18 -1.45
C GLU A 206 20.14 -17.89 -1.09
N ASN A 207 19.12 -17.98 -0.22
CA ASN A 207 18.34 -16.81 0.26
C ASN A 207 17.74 -16.03 -0.93
N TYR A 208 17.44 -16.71 -2.04
CA TYR A 208 16.88 -16.10 -3.27
C TYR A 208 17.77 -14.94 -3.72
N GLY A 209 19.08 -15.08 -3.53
CA GLY A 209 20.10 -14.11 -3.96
C GLY A 209 20.51 -13.11 -2.88
N HIS A 210 20.61 -13.54 -1.62
CA HIS A 210 21.30 -12.77 -0.55
C HIS A 210 22.39 -13.63 0.06
N ASN A 211 23.50 -13.02 0.47
CA ASN A 211 24.61 -13.73 1.14
C ASN A 211 24.18 -14.04 2.59
N LYS A 212 25.05 -14.67 3.37
CA LYS A 212 24.72 -15.12 4.75
C LYS A 212 24.43 -13.90 5.64
N ASP A 213 24.97 -12.71 5.30
CA ASP A 213 24.76 -11.43 6.05
C ASP A 213 23.44 -10.77 5.65
N GLY A 214 22.75 -11.30 4.64
CA GLY A 214 21.49 -10.75 4.10
C GLY A 214 21.74 -9.71 3.01
N LYS A 215 22.98 -9.53 2.58
CA LYS A 215 23.31 -8.56 1.50
C LYS A 215 22.81 -9.13 0.18
N PRO A 216 22.05 -8.36 -0.63
CA PRO A 216 21.68 -8.81 -1.96
C PRO A 216 22.92 -9.07 -2.83
N ILE A 217 22.91 -10.14 -3.63
CA ILE A 217 24.02 -10.48 -4.56
C ILE A 217 23.85 -9.70 -5.86
N SER A 218 22.68 -9.14 -6.11
CA SER A 218 22.36 -8.41 -7.35
C SER A 218 21.06 -7.62 -7.17
N LEU A 219 20.73 -6.79 -8.14
CA LEU A 219 19.46 -6.02 -8.17
C LEU A 219 18.28 -6.98 -8.34
N MET A 220 18.51 -8.22 -8.77
CA MET A 220 17.46 -9.26 -8.99
C MET A 220 17.20 -10.06 -7.70
N ALA A 221 17.88 -9.81 -6.58
CA ALA A 221 17.61 -10.52 -5.31
C ALA A 221 16.10 -10.42 -5.01
N VAL A 222 15.46 -11.53 -4.62
CA VAL A 222 13.99 -11.55 -4.38
C VAL A 222 13.74 -11.09 -2.95
N PRO A 223 13.04 -9.95 -2.73
CA PRO A 223 12.81 -9.44 -1.37
C PRO A 223 11.60 -10.08 -0.69
N GLY A 224 11.53 -9.96 0.64
CA GLY A 224 10.33 -10.25 1.46
C GLY A 224 10.11 -11.72 1.77
N LEU A 225 11.10 -12.59 1.51
CA LEU A 225 10.99 -14.05 1.76
C LEU A 225 12.01 -14.49 2.81
N GLU A 226 12.40 -13.58 3.72
N GLU A 226 12.39 -13.59 3.73
CA GLU A 226 13.42 -13.84 4.77
CA GLU A 226 13.45 -13.89 4.73
C GLU A 226 13.05 -15.08 5.58
C GLU A 226 13.05 -15.09 5.59
N LYS A 227 11.75 -15.35 5.81
CA LYS A 227 11.29 -16.52 6.62
C LYS A 227 11.77 -17.84 6.01
N TYR A 228 12.05 -17.87 4.72
CA TYR A 228 12.39 -19.10 3.95
C TYR A 228 13.89 -19.23 3.73
N TRP A 229 14.66 -18.21 4.11
CA TRP A 229 16.14 -18.22 3.93
C TRP A 229 16.72 -19.43 4.67
N GLY A 230 17.63 -20.14 4.00
CA GLY A 230 18.32 -21.31 4.56
C GLY A 230 17.49 -22.58 4.57
N THR A 231 16.27 -22.55 4.03
CA THR A 231 15.39 -23.74 3.92
C THR A 231 15.45 -24.29 2.49
N GLU A 232 15.00 -25.54 2.32
CA GLU A 232 14.94 -26.21 0.98
C GLU A 232 13.63 -25.81 0.28
N THR A 233 13.28 -24.52 0.31
CA THR A 233 12.01 -24.01 -0.26
C THR A 233 12.32 -23.28 -1.57
N PHE A 234 11.86 -23.82 -2.69
CA PHE A 234 12.00 -23.21 -4.03
C PHE A 234 11.18 -21.92 -4.01
N VAL A 235 11.63 -20.90 -4.75
CA VAL A 235 10.96 -19.57 -4.65
C VAL A 235 9.49 -19.73 -5.03
N THR A 236 9.17 -20.59 -5.99
CA THR A 236 7.79 -20.78 -6.48
C THR A 236 6.93 -21.28 -5.32
N GLU A 237 7.47 -22.20 -4.53
CA GLU A 237 6.78 -22.75 -3.35
C GLU A 237 6.61 -21.66 -2.27
N ALA A 238 7.67 -20.90 -1.97
CA ALA A 238 7.60 -19.80 -0.98
C ALA A 238 6.50 -18.80 -1.39
N LEU A 239 6.45 -18.42 -2.66
CA LEU A 239 5.43 -17.45 -3.14
C LEU A 239 4.05 -18.04 -2.90
N THR A 240 3.87 -19.33 -3.18
CA THR A 240 2.56 -20.00 -3.05
C THR A 240 2.14 -20.00 -1.57
N LEU A 241 3.08 -20.34 -0.68
CA LEU A 241 2.79 -20.39 0.78
C LEU A 241 2.41 -18.99 1.26
N GLU A 242 3.13 -17.97 0.83
CA GLU A 242 2.81 -16.57 1.22
C GLU A 242 1.45 -16.14 0.63
N ALA A 243 1.15 -16.51 -0.62
CA ALA A 243 -0.13 -16.20 -1.27
C ALA A 243 -1.28 -16.83 -0.47
N ILE A 244 -1.11 -18.09 -0.07
CA ILE A 244 -2.16 -18.81 0.72
C ILE A 244 -2.34 -18.14 2.08
N LYS A 245 -1.27 -17.72 2.75
CA LYS A 245 -1.39 -16.92 4.00
C LYS A 245 -2.22 -15.66 3.71
N ALA A 246 -1.94 -14.97 2.61
CA ALA A 246 -2.66 -13.72 2.25
C ALA A 246 -4.14 -14.04 1.94
N LEU A 247 -4.43 -15.18 1.33
CA LEU A 247 -5.83 -15.56 1.00
C LEU A 247 -6.59 -15.92 2.28
N ASN A 248 -5.94 -16.58 3.24
CA ASN A 248 -6.58 -16.86 4.55
C ASN A 248 -6.94 -15.53 5.22
N LYS A 249 -6.07 -14.52 5.15
CA LYS A 249 -6.36 -13.15 5.65
C LYS A 249 -7.54 -12.56 4.87
N ALA A 250 -7.51 -12.67 3.54
CA ALA A 250 -8.56 -12.15 2.63
C ALA A 250 -9.92 -12.67 3.07
N LYS A 251 -10.01 -13.95 3.43
CA LYS A 251 -11.30 -14.53 3.81
C LYS A 251 -11.81 -13.86 5.10
N LYS A 252 -10.91 -13.50 6.00
CA LYS A 252 -11.28 -12.85 7.29
C LYS A 252 -11.74 -11.40 7.08
N TYR A 253 -11.35 -10.79 5.96
CA TYR A 253 -11.63 -9.35 5.72
C TYR A 253 -13.05 -9.10 5.20
N ASN A 254 -13.80 -10.11 4.78
CA ASN A 254 -15.20 -9.94 4.29
C ASN A 254 -15.20 -8.98 3.09
N GLN A 255 -14.27 -9.19 2.16
CA GLN A 255 -14.20 -8.43 0.89
C GLN A 255 -13.93 -9.40 -0.24
N PRO A 256 -14.38 -9.11 -1.47
CA PRO A 256 -13.88 -9.82 -2.65
C PRO A 256 -12.38 -9.54 -2.73
N PHE A 257 -11.61 -10.51 -3.21
CA PHE A 257 -10.15 -10.31 -3.37
C PHE A 257 -9.78 -10.42 -4.85
N TYR A 258 -8.72 -9.68 -5.17
CA TYR A 258 -7.96 -9.76 -6.42
C TYR A 258 -6.54 -10.16 -6.04
N LEU A 259 -6.10 -11.30 -6.58
CA LEU A 259 -4.72 -11.79 -6.41
C LEU A 259 -4.05 -11.81 -7.78
N TYR A 260 -2.95 -11.05 -7.89
CA TYR A 260 -2.04 -11.11 -9.03
C TYR A 260 -0.91 -12.04 -8.63
N MET A 261 -1.03 -13.29 -9.09
CA MET A 261 -0.03 -14.34 -8.79
C MET A 261 0.92 -14.35 -9.97
N SER A 262 1.97 -13.56 -9.84
CA SER A 262 2.89 -13.24 -10.94
C SER A 262 4.20 -13.97 -10.72
N GLN A 263 4.31 -15.18 -11.28
CA GLN A 263 5.48 -16.07 -11.05
C GLN A 263 6.77 -15.40 -11.50
N TYR A 264 7.87 -15.62 -10.78
CA TYR A 264 9.23 -15.36 -11.28
C TYR A 264 9.60 -16.48 -12.25
N ALA A 265 9.14 -17.72 -11.98
CA ALA A 265 9.23 -18.82 -12.98
C ALA A 265 8.55 -18.37 -14.27
N ILE A 266 9.09 -18.70 -15.46
CA ILE A 266 10.18 -19.66 -15.67
C ILE A 266 11.43 -18.94 -16.25
N HIS A 267 11.72 -17.75 -15.72
CA HIS A 267 12.84 -16.88 -16.15
C HIS A 267 14.18 -17.51 -15.79
N VAL A 268 15.18 -17.28 -16.66
CA VAL A 268 16.59 -17.61 -16.34
C VAL A 268 17.00 -16.78 -15.12
N PRO A 269 17.99 -17.19 -14.32
CA PRO A 269 18.79 -18.40 -14.55
C PRO A 269 18.04 -19.72 -14.27
N LEU A 270 18.36 -20.76 -15.03
CA LEU A 270 17.66 -22.07 -14.93
C LEU A 270 18.25 -22.89 -13.77
N ASP A 271 17.87 -22.54 -12.54
CA ASP A 271 18.01 -23.42 -11.36
C ASP A 271 17.15 -24.68 -11.57
N LYS A 272 17.61 -25.79 -11.01
CA LYS A 272 16.79 -27.02 -11.03
C LYS A 272 16.02 -27.12 -9.70
N ASP A 273 14.78 -27.55 -9.78
CA ASP A 273 13.94 -27.89 -8.60
C ASP A 273 14.07 -29.39 -8.37
N LYS A 274 14.78 -29.74 -7.29
CA LYS A 274 15.13 -31.15 -7.00
C LYS A 274 13.86 -31.97 -6.75
N ARG A 275 12.71 -31.35 -6.48
CA ARG A 275 11.41 -32.06 -6.35
C ARG A 275 11.08 -32.82 -7.64
N PHE A 276 11.52 -32.36 -8.81
CA PHE A 276 11.03 -32.81 -10.12
C PHE A 276 12.15 -33.21 -11.09
N TYR A 277 13.40 -32.93 -10.78
CA TYR A 277 14.49 -32.92 -11.79
C TYR A 277 14.78 -34.31 -12.38
N ASP A 278 14.90 -35.35 -11.54
CA ASP A 278 15.47 -36.66 -11.95
C ASP A 278 14.65 -37.25 -13.10
N LYS A 279 13.32 -37.13 -13.05
CA LYS A 279 12.48 -37.83 -14.05
C LYS A 279 12.69 -37.19 -15.43
N TYR A 280 13.00 -35.89 -15.53
CA TYR A 280 13.23 -35.27 -16.86
C TYR A 280 14.55 -35.75 -17.46
N LYS A 281 15.57 -35.99 -16.64
CA LYS A 281 16.82 -36.63 -17.12
C LYS A 281 16.50 -38.02 -17.74
N LYS A 282 15.59 -38.77 -17.13
CA LYS A 282 15.22 -40.14 -17.60
C LYS A 282 14.41 -40.04 -18.90
N LYS A 283 13.84 -38.88 -19.19
CA LYS A 283 13.17 -38.62 -20.49
C LYS A 283 14.19 -38.22 -21.57
N GLY A 284 15.48 -38.17 -21.26
CA GLY A 284 16.54 -37.86 -22.23
C GLY A 284 16.76 -36.36 -22.42
N MET A 285 16.27 -35.53 -21.51
CA MET A 285 16.41 -34.05 -21.64
C MET A 285 17.80 -33.64 -21.15
N THR A 286 18.38 -32.60 -21.76
CA THR A 286 19.68 -32.04 -21.32
C THR A 286 19.55 -31.44 -19.91
N ASP A 287 20.68 -31.17 -19.25
CA ASP A 287 20.67 -30.58 -17.89
C ASP A 287 19.81 -29.32 -17.88
N HIS A 288 20.03 -28.41 -18.82
CA HIS A 288 19.30 -27.12 -18.90
C HIS A 288 17.81 -27.38 -19.19
N GLU A 289 17.52 -28.26 -20.13
CA GLU A 289 16.11 -28.49 -20.56
C GLU A 289 15.36 -29.20 -19.43
N ALA A 290 15.98 -30.13 -18.70
CA ALA A 290 15.39 -30.79 -17.52
C ALA A 290 15.15 -29.73 -16.44
N ALA A 291 16.11 -28.83 -16.17
CA ALA A 291 15.90 -27.74 -15.18
C ALA A 291 14.69 -26.91 -15.61
N TYR A 292 14.60 -26.55 -16.89
CA TYR A 292 13.49 -25.76 -17.46
C TYR A 292 12.17 -26.46 -17.19
N ALA A 293 12.10 -27.76 -17.46
CA ALA A 293 10.91 -28.57 -17.19
C ALA A 293 10.53 -28.51 -15.70
N THR A 294 11.51 -28.51 -14.79
CA THR A 294 11.21 -28.45 -13.33
C THR A 294 10.58 -27.09 -12.97
N LEU A 295 10.97 -26.00 -13.65
CA LEU A 295 10.40 -24.65 -13.37
C LEU A 295 8.93 -24.68 -13.78
N ILE A 296 8.64 -25.32 -14.92
CA ILE A 296 7.26 -25.44 -15.46
C ILE A 296 6.42 -26.23 -14.47
N GLU A 297 6.94 -27.39 -14.04
CA GLU A 297 6.15 -28.26 -13.15
C GLU A 297 5.87 -27.57 -11.80
N GLY A 298 6.84 -26.84 -11.26
CA GLY A 298 6.64 -26.11 -10.00
C GLY A 298 5.63 -24.97 -10.16
N MET A 299 5.67 -24.29 -11.30
CA MET A 299 4.65 -23.24 -11.63
C MET A 299 3.27 -23.89 -11.61
N ASP A 300 3.17 -25.12 -12.15
CA ASP A 300 1.87 -25.82 -12.29
C ASP A 300 1.41 -26.27 -10.89
N LYS A 301 2.35 -26.66 -10.03
CA LYS A 301 2.01 -27.04 -8.64
C LYS A 301 1.44 -25.84 -7.89
N SER A 302 2.00 -24.64 -8.13
CA SER A 302 1.50 -23.39 -7.50
C SER A 302 0.04 -23.16 -7.92
N LEU A 303 -0.25 -23.29 -9.22
CA LEU A 303 -1.63 -23.17 -9.75
C LEU A 303 -2.54 -24.16 -9.01
N GLY A 304 -2.13 -25.42 -8.96
CA GLY A 304 -2.91 -26.47 -8.29
C GLY A 304 -3.15 -26.16 -6.82
N ASP A 305 -2.14 -25.64 -6.12
CA ASP A 305 -2.23 -25.34 -4.67
C ASP A 305 -3.25 -24.21 -4.46
N LEU A 306 -3.30 -23.22 -5.37
CA LEU A 306 -4.32 -22.16 -5.26
C LEU A 306 -5.72 -22.71 -5.55
N MET A 307 -5.85 -23.58 -6.56
CA MET A 307 -7.15 -24.19 -6.91
C MET A 307 -7.61 -25.06 -5.72
N ASP A 308 -6.69 -25.77 -5.09
CA ASP A 308 -7.02 -26.61 -3.91
C ASP A 308 -7.52 -25.72 -2.78
N TRP A 309 -6.86 -24.58 -2.55
CA TRP A 309 -7.27 -23.63 -1.48
C TRP A 309 -8.69 -23.15 -1.75
N LEU A 310 -9.00 -22.77 -2.99
CA LEU A 310 -10.34 -22.25 -3.36
C LEU A 310 -11.39 -23.33 -3.05
N GLU A 311 -11.11 -24.59 -3.42
CA GLU A 311 -12.05 -25.71 -3.21
C GLU A 311 -12.26 -25.94 -1.71
N LYS A 312 -11.19 -25.98 -0.92
CA LYS A 312 -11.27 -26.30 0.52
C LYS A 312 -11.92 -25.16 1.31
N SER A 313 -11.76 -23.91 0.85
N SER A 313 -11.77 -23.91 0.84
CA SER A 313 -12.23 -22.68 1.56
CA SER A 313 -12.22 -22.69 1.56
C SER A 313 -13.66 -22.31 1.14
C SER A 313 -13.64 -22.29 1.12
N GLY A 314 -14.25 -23.00 0.17
CA GLY A 314 -15.61 -22.70 -0.33
C GLY A 314 -15.66 -21.45 -1.18
N GLU A 315 -14.53 -21.06 -1.77
CA GLU A 315 -14.42 -19.85 -2.63
C GLU A 315 -14.46 -20.25 -4.12
N ALA A 316 -14.30 -21.54 -4.45
CA ALA A 316 -14.10 -21.95 -5.86
C ALA A 316 -15.29 -21.53 -6.75
N ASP A 317 -16.53 -21.60 -6.25
CA ASP A 317 -17.75 -21.36 -7.06
C ASP A 317 -17.91 -19.87 -7.37
N ASN A 318 -17.17 -19.00 -6.66
CA ASN A 318 -17.30 -17.53 -6.86
C ASN A 318 -15.92 -16.91 -7.11
N THR A 319 -15.02 -17.63 -7.77
CA THR A 319 -13.66 -17.14 -8.10
C THR A 319 -13.38 -17.34 -9.60
N ILE A 320 -12.95 -16.27 -10.25
CA ILE A 320 -12.44 -16.32 -11.64
C ILE A 320 -10.94 -16.58 -11.58
N ILE A 321 -10.46 -17.49 -12.42
CA ILE A 321 -9.00 -17.69 -12.61
C ILE A 321 -8.67 -17.38 -14.06
N ILE A 322 -7.74 -16.46 -14.24
CA ILE A 322 -7.17 -16.16 -15.58
C ILE A 322 -5.72 -16.61 -15.54
N PHE A 323 -5.35 -17.50 -16.44
CA PHE A 323 -3.97 -17.97 -16.64
C PHE A 323 -3.42 -17.27 -17.87
N MET A 324 -2.21 -16.74 -17.77
CA MET A 324 -1.56 -16.02 -18.88
C MET A 324 -0.04 -16.08 -18.71
N SER A 325 0.67 -15.77 -19.79
CA SER A 325 2.14 -15.59 -19.78
C SER A 325 2.46 -14.23 -20.44
N ASP A 326 3.60 -13.64 -20.11
CA ASP A 326 3.87 -12.22 -20.49
C ASP A 326 4.59 -12.11 -21.84
N ASN A 327 5.17 -13.19 -22.35
CA ASN A 327 5.91 -13.24 -23.65
C ASN A 327 6.27 -14.68 -23.96
N GLY A 328 6.82 -14.92 -25.14
CA GLY A 328 7.14 -16.28 -25.59
C GLY A 328 8.32 -16.89 -24.87
N GLY A 329 8.50 -18.19 -25.04
CA GLY A 329 9.64 -18.92 -24.48
C GLY A 329 10.96 -18.39 -25.01
N LEU A 330 11.98 -18.34 -24.16
CA LEU A 330 13.33 -17.89 -24.58
C LEU A 330 13.85 -18.85 -25.66
N ALA A 331 14.22 -18.34 -26.84
CA ALA A 331 14.68 -19.19 -27.95
C ALA A 331 15.97 -18.65 -28.61
N ALA A 332 16.53 -17.54 -28.13
CA ALA A 332 17.65 -16.85 -28.82
C ALA A 332 18.97 -16.95 -28.04
N GLU A 333 19.02 -17.61 -26.88
CA GLU A 333 20.24 -17.71 -26.03
C GLU A 333 20.66 -19.16 -25.87
N SER A 334 21.69 -19.58 -26.62
CA SER A 334 22.29 -20.93 -26.51
C SER A 334 22.95 -21.13 -25.14
N TYR A 335 23.23 -20.07 -24.38
CA TYR A 335 23.79 -20.20 -23.00
C TYR A 335 22.82 -20.98 -22.09
N TRP A 336 21.51 -20.87 -22.36
CA TRP A 336 20.45 -21.42 -21.47
C TRP A 336 19.63 -22.49 -22.19
N ARG A 337 19.44 -22.41 -23.51
CA ARG A 337 18.55 -23.33 -24.26
C ARG A 337 19.38 -24.20 -25.22
N ASP A 338 19.10 -25.50 -25.27
CA ASP A 338 20.00 -26.50 -25.93
C ASP A 338 19.56 -26.95 -27.31
N GLY A 339 18.27 -26.89 -27.64
CA GLY A 339 17.78 -27.24 -28.98
C GLY A 339 18.34 -26.32 -30.05
N LYS A 340 18.05 -26.59 -31.34
CA LYS A 340 18.33 -25.63 -32.44
C LYS A 340 17.77 -24.26 -32.04
N LEU A 341 18.58 -23.20 -32.13
CA LEU A 341 18.09 -21.86 -31.70
C LEU A 341 16.85 -21.49 -32.51
N HIS A 342 15.97 -20.73 -31.87
CA HIS A 342 14.79 -20.08 -32.49
C HIS A 342 13.72 -21.12 -32.80
N THR A 343 13.72 -22.27 -32.12
CA THR A 343 12.72 -23.36 -32.32
C THR A 343 12.06 -23.79 -31.01
N GLN A 344 12.32 -23.11 -29.88
CA GLN A 344 11.92 -23.60 -28.53
C GLN A 344 10.41 -23.40 -28.31
N ASN A 345 9.70 -22.82 -29.28
CA ASN A 345 8.21 -22.66 -29.23
C ASN A 345 7.60 -23.36 -30.44
N HIS A 346 8.30 -24.31 -31.07
CA HIS A 346 7.78 -25.01 -32.28
C HIS A 346 6.40 -25.58 -31.97
N PRO A 347 5.41 -25.50 -32.89
CA PRO A 347 5.61 -25.12 -34.29
C PRO A 347 5.73 -23.63 -34.59
N LEU A 348 5.60 -22.78 -33.57
CA LEU A 348 5.78 -21.32 -33.76
C LEU A 348 7.27 -21.04 -34.04
N ASN A 349 7.53 -19.96 -34.76
CA ASN A 349 8.88 -19.47 -35.11
C ASN A 349 9.39 -18.56 -33.99
N SER A 350 10.65 -18.72 -33.61
CA SER A 350 11.41 -17.79 -32.75
C SER A 350 10.85 -17.84 -31.32
N GLY A 351 10.95 -16.75 -30.58
CA GLY A 351 10.65 -16.76 -29.15
C GLY A 351 10.74 -15.37 -28.58
N LYS A 352 10.90 -15.29 -27.27
CA LYS A 352 11.06 -14.04 -26.52
C LYS A 352 11.85 -13.02 -27.36
N GLY A 353 11.34 -11.80 -27.43
CA GLY A 353 11.96 -10.68 -28.16
C GLY A 353 11.50 -10.59 -29.61
N SER A 354 10.85 -11.62 -30.13
CA SER A 354 10.42 -11.71 -31.55
C SER A 354 8.96 -11.28 -31.71
N THR A 355 8.69 -10.58 -32.81
CA THR A 355 7.33 -10.26 -33.27
C THR A 355 6.72 -11.48 -33.96
N TYR A 356 7.52 -12.51 -34.27
CA TYR A 356 6.99 -13.80 -34.77
C TYR A 356 6.12 -14.41 -33.66
N GLU A 357 5.19 -15.29 -34.05
CA GLU A 357 4.23 -15.96 -33.13
C GLU A 357 4.95 -16.52 -31.89
N GLY A 358 6.14 -17.10 -32.05
CA GLY A 358 6.89 -17.69 -30.94
C GLY A 358 7.13 -16.72 -29.80
N GLY A 359 7.27 -15.43 -30.10
CA GLY A 359 7.52 -14.37 -29.10
C GLY A 359 6.26 -13.78 -28.47
N ILE A 360 5.09 -13.93 -29.10
CA ILE A 360 3.90 -13.11 -28.72
C ILE A 360 2.66 -13.97 -28.42
N ARG A 361 2.60 -15.22 -28.90
CA ARG A 361 1.40 -16.08 -28.68
C ARG A 361 1.54 -16.86 -27.37
N GLU A 362 0.58 -16.69 -26.46
CA GLU A 362 0.72 -17.12 -25.05
C GLU A 362 -0.34 -18.15 -24.71
N PRO A 363 0.02 -19.11 -23.82
CA PRO A 363 -0.97 -19.99 -23.24
C PRO A 363 -1.90 -19.18 -22.33
N MET A 364 -3.20 -19.27 -22.57
CA MET A 364 -4.19 -18.51 -21.79
C MET A 364 -5.41 -19.42 -21.53
N ILE A 365 -5.88 -19.40 -20.30
CA ILE A 365 -7.09 -20.15 -19.85
C ILE A 365 -7.90 -19.22 -18.94
N VAL A 366 -9.22 -19.29 -19.02
CA VAL A 366 -10.10 -18.57 -18.07
C VAL A 366 -11.14 -19.55 -17.52
N SER A 367 -11.21 -19.65 -16.21
CA SER A 367 -12.22 -20.41 -15.46
C SER A 367 -13.15 -19.45 -14.72
N TRP A 368 -14.45 -19.64 -14.88
CA TRP A 368 -15.46 -18.83 -14.15
C TRP A 368 -16.71 -19.68 -13.99
N PRO A 369 -16.75 -20.48 -12.91
CA PRO A 369 -17.81 -21.46 -12.75
C PRO A 369 -19.20 -20.84 -12.85
N GLY A 370 -20.05 -21.45 -13.67
CA GLY A 370 -21.44 -21.02 -13.90
C GLY A 370 -21.56 -19.88 -14.89
N VAL A 371 -20.46 -19.36 -15.40
CA VAL A 371 -20.47 -18.26 -16.41
C VAL A 371 -19.77 -18.73 -17.70
N VAL A 372 -18.56 -19.27 -17.58
CA VAL A 372 -17.77 -19.78 -18.72
C VAL A 372 -17.98 -21.30 -18.87
N ALA A 373 -18.34 -21.76 -20.07
CA ALA A 373 -18.58 -23.19 -20.34
C ALA A 373 -17.31 -23.97 -20.08
N PRO A 374 -17.39 -25.08 -19.30
CA PRO A 374 -16.20 -25.90 -19.04
C PRO A 374 -15.78 -26.68 -20.30
N GLY A 375 -14.46 -26.77 -20.50
CA GLY A 375 -13.86 -27.52 -21.61
C GLY A 375 -14.08 -26.85 -22.94
N SER A 376 -14.28 -25.53 -22.94
CA SER A 376 -14.52 -24.72 -24.16
C SER A 376 -13.18 -24.19 -24.71
N LYS A 377 -13.18 -23.82 -25.98
CA LYS A 377 -11.99 -23.26 -26.67
C LYS A 377 -12.43 -22.02 -27.45
N CYS A 378 -11.58 -21.02 -27.49
CA CYS A 378 -11.80 -19.77 -28.26
C CYS A 378 -10.53 -19.44 -29.05
N ASN A 379 -10.61 -19.36 -30.37
CA ASN A 379 -9.44 -19.06 -31.23
C ASN A 379 -9.47 -17.61 -31.70
N ASP A 380 -10.44 -16.81 -31.25
CA ASP A 380 -10.51 -15.38 -31.65
C ASP A 380 -9.34 -14.67 -30.98
N TYR A 381 -8.66 -13.78 -31.70
CA TYR A 381 -7.41 -13.19 -31.19
C TYR A 381 -7.75 -12.04 -30.22
N LEU A 382 -6.79 -11.76 -29.33
CA LEU A 382 -6.91 -10.69 -28.33
C LEU A 382 -5.49 -10.29 -27.94
N LEU A 383 -5.36 -9.14 -27.29
CA LEU A 383 -4.06 -8.60 -26.82
C LEU A 383 -4.15 -8.36 -25.32
N ILE A 384 -3.00 -8.42 -24.66
CA ILE A 384 -2.91 -8.26 -23.18
C ILE A 384 -3.64 -7.01 -22.67
N GLU A 385 -3.64 -5.87 -23.39
CA GLU A 385 -4.32 -4.68 -22.83
C GLU A 385 -5.81 -4.95 -22.63
N ASP A 386 -6.37 -5.91 -23.36
CA ASP A 386 -7.80 -6.32 -23.24
C ASP A 386 -8.10 -6.80 -21.82
N PHE A 387 -7.09 -7.24 -21.06
CA PHE A 387 -7.30 -7.77 -19.70
C PHE A 387 -7.82 -6.67 -18.78
N TYR A 388 -7.41 -5.41 -19.02
CA TYR A 388 -7.75 -4.27 -18.15
C TYR A 388 -9.27 -4.09 -18.12
N PRO A 389 -9.96 -3.79 -19.25
CA PRO A 389 -11.41 -3.59 -19.19
C PRO A 389 -12.16 -4.87 -18.82
N THR A 390 -11.61 -6.04 -19.21
CA THR A 390 -12.27 -7.33 -18.92
C THR A 390 -12.32 -7.55 -17.41
N ILE A 391 -11.21 -7.36 -16.71
CA ILE A 391 -11.17 -7.57 -15.24
C ILE A 391 -12.11 -6.58 -14.55
N LEU A 392 -12.16 -5.32 -15.00
CA LEU A 392 -13.06 -4.36 -14.33
C LEU A 392 -14.52 -4.79 -14.57
N GLU A 393 -14.84 -5.30 -15.75
CA GLU A 393 -16.20 -5.80 -16.07
C GLU A 393 -16.54 -7.02 -15.18
N MET A 394 -15.58 -7.92 -14.99
CA MET A 394 -15.77 -9.09 -14.12
C MET A 394 -16.08 -8.63 -12.68
N ALA A 395 -15.48 -7.52 -12.24
CA ALA A 395 -15.62 -6.95 -10.89
C ALA A 395 -16.89 -6.09 -10.77
N GLY A 396 -17.71 -6.00 -11.83
CA GLY A 396 -18.97 -5.24 -11.80
C GLY A 396 -18.76 -3.74 -11.81
N ILE A 397 -17.59 -3.28 -12.25
CA ILE A 397 -17.29 -1.82 -12.33
C ILE A 397 -17.65 -1.35 -13.73
N LYS A 398 -18.85 -0.81 -13.87
CA LYS A 398 -19.51 -0.47 -15.16
C LYS A 398 -19.09 0.94 -15.55
N LYS A 399 -18.79 1.80 -14.57
CA LYS A 399 -18.38 3.21 -14.84
C LYS A 399 -17.05 3.45 -14.14
N TYR A 400 -16.03 3.90 -14.87
CA TYR A 400 -14.74 4.29 -14.26
C TYR A 400 -14.09 5.40 -15.07
N LYS A 401 -13.33 6.23 -14.37
CA LYS A 401 -12.54 7.35 -14.95
C LYS A 401 -11.09 6.88 -15.09
N THR A 402 -10.48 7.16 -16.22
CA THR A 402 -9.02 6.96 -16.43
C THR A 402 -8.41 8.23 -16.99
N VAL A 403 -7.14 8.46 -16.71
CA VAL A 403 -6.43 9.64 -17.26
C VAL A 403 -6.02 9.38 -18.71
N GLN A 404 -5.81 8.10 -19.06
CA GLN A 404 -5.30 7.67 -20.38
C GLN A 404 -6.43 7.05 -21.18
N PRO A 405 -6.35 7.07 -22.52
CA PRO A 405 -7.28 6.28 -23.32
C PRO A 405 -7.00 4.79 -23.05
N ILE A 406 -8.06 3.99 -23.06
CA ILE A 406 -7.98 2.52 -22.90
C ILE A 406 -8.06 1.88 -24.28
N ASP A 407 -6.96 1.26 -24.70
CA ASP A 407 -6.86 0.57 -26.01
C ASP A 407 -7.41 -0.85 -25.89
N GLY A 408 -7.46 -1.38 -24.67
CA GLY A 408 -8.02 -2.72 -24.43
C GLY A 408 -9.49 -2.77 -24.80
N ILE A 409 -9.93 -3.93 -25.30
CA ILE A 409 -11.34 -4.25 -25.61
C ILE A 409 -11.73 -5.47 -24.79
N SER A 410 -12.76 -5.36 -23.97
CA SER A 410 -13.24 -6.47 -23.12
C SER A 410 -13.41 -7.75 -23.96
N PHE A 411 -12.93 -8.89 -23.46
CA PHE A 411 -13.22 -10.22 -24.08
C PHE A 411 -14.32 -10.93 -23.30
N MET A 412 -15.11 -10.19 -22.51
CA MET A 412 -16.29 -10.79 -21.86
C MET A 412 -17.17 -11.49 -22.91
N PRO A 413 -17.42 -10.93 -24.12
CA PRO A 413 -18.25 -11.63 -25.10
C PRO A 413 -17.66 -12.96 -25.63
N LEU A 414 -16.34 -13.11 -25.63
CA LEU A 414 -15.67 -14.39 -25.98
C LEU A 414 -15.93 -15.38 -24.85
N LEU A 415 -15.83 -14.92 -23.60
CA LEU A 415 -16.05 -15.78 -22.42
C LEU A 415 -17.48 -16.31 -22.39
N LYS A 416 -18.46 -15.47 -22.75
CA LYS A 416 -19.90 -15.81 -22.71
C LYS A 416 -20.36 -16.42 -24.06
N GLN A 417 -19.51 -16.43 -25.09
CA GLN A 417 -19.78 -17.01 -26.43
C GLN A 417 -20.96 -16.27 -27.07
N THR A 418 -21.02 -14.93 -26.95
CA THR A 418 -22.13 -14.08 -27.44
C THR A 418 -21.73 -13.35 -28.72
N ARG A 419 -20.50 -12.87 -28.81
CA ARG A 419 -20.03 -12.05 -29.96
C ARG A 419 -18.50 -12.09 -29.99
N ASN A 420 -17.89 -11.75 -31.13
CA ASN A 420 -16.42 -11.60 -31.30
C ASN A 420 -16.10 -10.11 -31.28
N PRO A 421 -15.66 -9.54 -30.13
CA PRO A 421 -15.41 -8.10 -30.02
C PRO A 421 -14.22 -7.64 -30.87
N SER A 422 -13.44 -8.59 -31.40
CA SER A 422 -12.26 -8.36 -32.27
C SER A 422 -12.62 -8.56 -33.76
N LYS A 423 -13.91 -8.69 -34.09
CA LYS A 423 -14.43 -8.77 -35.48
C LYS A 423 -13.96 -7.54 -36.26
N GLY A 424 -13.18 -7.75 -37.32
CA GLY A 424 -12.61 -6.69 -38.15
C GLY A 424 -11.52 -5.89 -37.44
N ARG A 425 -11.05 -6.36 -36.26
CA ARG A 425 -10.07 -5.61 -35.44
C ARG A 425 -8.65 -5.92 -35.92
N SER A 426 -7.82 -4.88 -35.95
CA SER A 426 -6.37 -4.98 -36.21
C SER A 426 -5.65 -4.97 -34.86
N LEU A 427 -4.69 -5.88 -34.68
CA LEU A 427 -3.76 -5.85 -33.52
C LEU A 427 -2.42 -5.27 -33.98
N PHE A 428 -1.77 -4.53 -33.09
CA PHE A 428 -0.53 -3.80 -33.40
C PHE A 428 0.55 -4.06 -32.37
N TRP A 429 1.78 -4.19 -32.87
CA TRP A 429 3.03 -4.32 -32.09
C TRP A 429 4.01 -3.25 -32.59
N ASN A 430 4.77 -2.66 -31.68
CA ASN A 430 5.89 -1.77 -32.06
C ASN A 430 7.09 -2.10 -31.17
N MET A 431 8.22 -2.40 -31.79
N MET A 431 8.23 -2.37 -31.80
CA MET A 431 9.50 -2.69 -31.10
CA MET A 431 9.50 -2.71 -31.11
C MET A 431 10.62 -1.94 -31.81
C MET A 431 10.63 -1.95 -31.82
N PRO A 432 10.69 -0.61 -31.62
CA PRO A 432 11.70 0.24 -32.24
C PRO A 432 13.01 0.20 -31.44
N ASN A 433 13.34 -0.97 -30.96
CA ASN A 433 14.30 -1.18 -29.86
C ASN A 433 15.26 -2.30 -30.26
N ASN A 434 16.29 -2.47 -29.44
CA ASN A 434 17.35 -3.46 -29.70
C ASN A 434 17.56 -4.27 -28.43
N TRP A 435 17.02 -5.47 -28.45
CA TRP A 435 17.14 -6.46 -27.38
C TRP A 435 18.57 -7.00 -27.36
N GLY A 436 18.92 -7.77 -26.33
CA GLY A 436 20.29 -8.25 -26.11
C GLY A 436 20.72 -9.31 -27.11
N ASN A 437 19.76 -9.89 -27.83
CA ASN A 437 20.00 -11.03 -28.76
C ASN A 437 19.41 -10.71 -30.13
N ASP A 438 20.02 -11.28 -31.17
CA ASP A 438 19.48 -11.27 -32.54
C ASP A 438 18.69 -12.55 -32.78
N GLY A 439 17.79 -12.51 -33.74
CA GLY A 439 17.08 -13.70 -34.20
C GLY A 439 15.93 -13.33 -35.10
N PRO A 440 15.24 -14.37 -35.64
CA PRO A 440 14.12 -14.17 -36.56
C PRO A 440 13.01 -13.35 -35.88
N GLY A 441 12.66 -12.22 -36.50
CA GLY A 441 11.60 -11.31 -36.04
C GLY A 441 11.99 -10.48 -34.82
N ILE A 442 13.27 -10.50 -34.41
CA ILE A 442 13.73 -9.73 -33.21
C ILE A 442 14.39 -8.42 -33.65
N ASN A 443 13.95 -7.32 -33.03
CA ASN A 443 14.57 -5.96 -33.04
C ASN A 443 14.04 -5.10 -34.18
N PHE A 444 13.89 -3.81 -33.87
CA PHE A 444 13.67 -2.72 -34.84
C PHE A 444 12.58 -3.10 -35.85
N ASN A 445 11.39 -3.40 -35.34
CA ASN A 445 10.28 -3.75 -36.23
C ASN A 445 8.95 -3.36 -35.60
N CYS A 446 7.92 -3.39 -36.41
CA CYS A 446 6.52 -3.21 -35.97
C CYS A 446 5.66 -4.15 -36.82
N ALA A 447 4.46 -4.42 -36.37
CA ALA A 447 3.60 -5.38 -37.09
C ALA A 447 2.13 -5.06 -36.88
N VAL A 448 1.34 -5.54 -37.82
CA VAL A 448 -0.13 -5.55 -37.72
C VAL A 448 -0.63 -6.96 -38.03
N ARG A 449 -1.59 -7.41 -37.23
CA ARG A 449 -2.37 -8.64 -37.50
C ARG A 449 -3.80 -8.20 -37.80
N LYS A 450 -4.33 -8.62 -38.94
CA LYS A 450 -5.76 -8.37 -39.28
C LYS A 450 -6.29 -9.58 -40.03
N GLY A 451 -7.30 -10.22 -39.46
CA GLY A 451 -7.81 -11.51 -39.95
C GLY A 451 -6.67 -12.54 -40.01
N ASP A 452 -6.53 -13.21 -41.15
CA ASP A 452 -5.56 -14.31 -41.34
C ASP A 452 -4.16 -13.75 -41.61
N TRP A 453 -4.02 -12.43 -41.79
CA TRP A 453 -2.79 -11.82 -42.34
C TRP A 453 -2.00 -11.07 -41.27
N LYS A 454 -0.69 -11.22 -41.33
CA LYS A 454 0.25 -10.50 -40.44
C LYS A 454 1.36 -9.87 -41.29
N LEU A 455 1.52 -8.56 -41.17
CA LEU A 455 2.60 -7.81 -41.85
C LEU A 455 3.61 -7.42 -40.77
N ILE A 456 4.87 -7.74 -40.98
CA ILE A 456 6.00 -7.29 -40.10
C ILE A 456 6.89 -6.39 -40.95
N TYR A 457 7.13 -5.18 -40.46
CA TYR A 457 7.94 -4.14 -41.13
C TYR A 457 9.22 -3.91 -40.32
N TYR A 458 10.36 -4.01 -41.00
CA TYR A 458 11.72 -3.83 -40.43
C TYR A 458 12.17 -2.39 -40.72
N TYR A 459 12.31 -1.60 -39.66
CA TYR A 459 12.58 -0.15 -39.75
C TYR A 459 13.91 0.12 -40.49
N GLY A 460 14.92 -0.70 -40.26
CA GLY A 460 16.28 -0.43 -40.77
C GLY A 460 16.39 -0.65 -42.28
N THR A 461 15.81 -1.74 -42.77
CA THR A 461 15.99 -2.24 -44.17
C THR A 461 14.77 -1.90 -45.01
N GLY A 462 13.64 -1.56 -44.39
CA GLY A 462 12.37 -1.31 -45.10
C GLY A 462 11.70 -2.61 -45.51
N LYS A 463 12.26 -3.76 -45.13
CA LYS A 463 11.74 -5.09 -45.52
C LYS A 463 10.33 -5.29 -44.93
N LYS A 464 9.46 -5.89 -45.72
CA LYS A 464 8.08 -6.27 -45.30
C LYS A 464 7.91 -7.77 -45.48
N GLU A 465 7.54 -8.45 -44.41
CA GLU A 465 7.18 -9.88 -44.43
C GLU A 465 5.68 -9.97 -44.25
N LEU A 466 5.03 -10.78 -45.08
CA LEU A 466 3.59 -11.07 -44.99
C LEU A 466 3.38 -12.56 -44.78
N PHE A 467 2.70 -12.92 -43.69
CA PHE A 467 2.39 -14.32 -43.35
C PHE A 467 0.88 -14.52 -43.25
N ASN A 468 0.41 -15.65 -43.76
CA ASN A 468 -0.97 -16.16 -43.53
C ASN A 468 -0.89 -17.08 -42.33
N ILE A 469 -1.28 -16.60 -41.14
CA ILE A 469 -0.98 -17.33 -39.88
C ILE A 469 -1.69 -18.68 -39.83
N PRO A 470 -3.00 -18.81 -40.14
CA PRO A 470 -3.63 -20.13 -40.12
C PRO A 470 -3.00 -21.11 -41.12
N ASP A 471 -2.58 -20.62 -42.28
CA ASP A 471 -1.99 -21.49 -43.34
C ASP A 471 -0.51 -21.77 -43.04
N ASP A 472 0.13 -20.99 -42.18
CA ASP A 472 1.61 -21.00 -42.01
C ASP A 472 1.95 -20.53 -40.59
N ILE A 473 1.64 -21.35 -39.59
CA ILE A 473 1.69 -20.92 -38.16
C ILE A 473 3.15 -20.73 -37.74
N GLY A 474 4.09 -21.34 -38.45
CA GLY A 474 5.53 -21.18 -38.23
C GLY A 474 6.15 -20.05 -39.02
N GLU A 475 5.36 -19.24 -39.75
CA GLU A 475 5.88 -18.03 -40.46
C GLU A 475 7.13 -18.40 -41.27
N SER A 476 7.02 -19.44 -42.09
CA SER A 476 8.15 -19.90 -42.94
C SER A 476 8.01 -19.41 -44.38
N ASN A 477 6.86 -18.85 -44.77
CA ASN A 477 6.53 -18.59 -46.19
C ASN A 477 6.12 -17.12 -46.37
N ASP A 478 7.10 -16.23 -46.58
CA ASP A 478 6.85 -14.78 -46.79
C ASP A 478 6.12 -14.60 -48.13
N LEU A 479 4.88 -14.13 -48.08
CA LEU A 479 3.97 -13.99 -49.24
C LEU A 479 3.92 -12.54 -49.73
N SER A 480 4.81 -11.66 -49.25
CA SER A 480 4.76 -10.21 -49.54
C SER A 480 4.83 -9.97 -51.06
N ALA A 481 5.66 -10.70 -51.80
CA ALA A 481 5.82 -10.50 -53.26
C ALA A 481 4.56 -10.99 -53.99
N GLN A 482 3.83 -11.96 -53.42
CA GLN A 482 2.66 -12.59 -54.08
C GLN A 482 1.39 -11.79 -53.82
N HIS A 483 1.37 -10.95 -52.78
CA HIS A 483 0.16 -10.18 -52.40
C HIS A 483 0.48 -8.70 -52.16
N PRO A 484 0.92 -7.94 -53.19
CA PRO A 484 1.30 -6.55 -52.96
C PRO A 484 0.13 -5.68 -52.49
N ASP A 485 -1.11 -6.02 -52.86
CA ASP A 485 -2.32 -5.25 -52.45
C ASP A 485 -2.52 -5.42 -50.93
N ILE A 486 -2.32 -6.63 -50.41
CA ILE A 486 -2.45 -6.87 -48.93
C ILE A 486 -1.33 -6.11 -48.22
N VAL A 487 -0.11 -6.16 -48.75
CA VAL A 487 1.05 -5.46 -48.15
C VAL A 487 0.73 -3.95 -48.11
N LYS A 488 0.17 -3.37 -49.18
CA LYS A 488 -0.16 -1.91 -49.27
C LYS A 488 -1.23 -1.57 -48.21
N ARG A 489 -2.30 -2.36 -48.16
CA ARG A 489 -3.45 -2.13 -47.24
C ARG A 489 -2.95 -2.20 -45.79
N LEU A 490 -2.19 -3.23 -45.45
CA LEU A 490 -1.74 -3.40 -44.05
C LEU A 490 -0.65 -2.36 -43.71
N SER A 491 0.18 -1.95 -44.66
CA SER A 491 1.21 -0.90 -44.45
C SER A 491 0.53 0.40 -44.04
N LYS A 492 -0.54 0.78 -44.76
CA LYS A 492 -1.34 1.99 -44.47
C LYS A 492 -1.97 1.88 -43.07
N GLU A 493 -2.56 0.72 -42.75
CA GLU A 493 -3.20 0.51 -41.44
C GLU A 493 -2.15 0.69 -40.32
N LEU A 494 -0.98 0.10 -40.51
CA LEU A 494 0.13 0.08 -39.52
C LEU A 494 0.68 1.49 -39.33
N GLY A 495 1.04 2.18 -40.42
CA GLY A 495 1.57 3.55 -40.35
C GLY A 495 0.57 4.50 -39.72
N THR A 496 -0.70 4.41 -40.14
CA THR A 496 -1.80 5.28 -39.66
C THR A 496 -1.91 5.11 -38.15
N TYR A 497 -1.95 3.86 -37.67
CA TYR A 497 -2.12 3.56 -36.23
C TYR A 497 -0.93 4.11 -35.42
N LEU A 498 0.29 3.85 -35.90
CA LEU A 498 1.51 4.25 -35.16
C LEU A 498 1.53 5.78 -35.03
N ARG A 499 1.19 6.49 -36.09
CA ARG A 499 1.13 7.98 -36.02
C ARG A 499 -0.01 8.41 -35.07
N LYS A 500 -1.17 7.77 -35.15
CA LYS A 500 -2.36 8.14 -34.33
C LYS A 500 -1.98 8.09 -32.84
N VAL A 501 -1.22 7.09 -32.40
CA VAL A 501 -0.90 6.91 -30.96
C VAL A 501 0.43 7.57 -30.59
N ASP A 502 1.01 8.36 -31.50
N ASP A 502 1.01 8.36 -31.50
CA ASP A 502 2.32 9.04 -31.30
CA ASP A 502 2.32 9.04 -31.30
C ASP A 502 3.38 8.00 -30.95
C ASP A 502 3.37 7.99 -30.94
N ALA A 503 3.38 6.87 -31.65
CA ALA A 503 4.36 5.78 -31.48
C ALA A 503 5.74 6.29 -31.92
N GLN A 504 6.78 5.59 -31.49
CA GLN A 504 8.17 5.97 -31.75
C GLN A 504 8.79 5.04 -32.79
N ARG A 505 9.82 5.56 -33.45
CA ARG A 505 10.57 4.81 -34.47
C ARG A 505 12.04 5.09 -34.23
N PRO A 506 12.91 4.17 -34.69
CA PRO A 506 14.34 4.41 -34.61
C PRO A 506 14.76 5.51 -35.58
N THR A 507 15.95 6.05 -35.36
CA THR A 507 16.56 7.04 -36.27
C THR A 507 17.78 6.41 -36.94
N VAL A 508 18.06 6.86 -38.16
CA VAL A 508 19.25 6.43 -38.93
C VAL A 508 20.42 7.30 -38.42
N LYS A 509 21.45 6.67 -37.84
CA LYS A 509 22.61 7.39 -37.24
C LYS A 509 23.21 8.36 -38.27
N ALA A 510 23.34 7.93 -39.53
CA ALA A 510 23.98 8.68 -40.64
C ALA A 510 23.29 10.04 -40.84
N THR A 511 21.97 10.12 -40.70
CA THR A 511 21.14 11.27 -41.19
C THR A 511 20.49 12.03 -40.02
N GLY A 512 20.26 11.37 -38.88
CA GLY A 512 19.43 11.86 -37.77
C GLY A 512 17.94 11.81 -38.09
N LYS A 513 17.58 11.37 -39.31
CA LYS A 513 16.18 11.27 -39.76
C LYS A 513 15.60 9.99 -39.17
N PRO A 514 14.32 10.03 -38.73
CA PRO A 514 13.63 8.80 -38.38
C PRO A 514 13.56 7.84 -39.57
N CYS A 515 13.54 6.54 -39.29
CA CYS A 515 13.20 5.49 -40.28
C CYS A 515 11.81 5.78 -40.83
N PRO A 516 11.56 5.52 -42.14
CA PRO A 516 10.24 5.78 -42.70
C PRO A 516 9.18 4.92 -42.01
N TRP A 517 7.98 5.46 -41.86
CA TRP A 517 6.78 4.64 -41.53
C TRP A 517 6.56 3.65 -42.67
N PRO A 518 5.93 2.48 -42.42
CA PRO A 518 5.76 1.49 -43.48
C PRO A 518 4.95 1.96 -44.69
N ASP A 519 4.07 2.94 -44.52
CA ASP A 519 3.25 3.47 -45.65
C ASP A 519 3.96 4.66 -46.31
N GLU A 520 5.19 4.99 -45.90
CA GLU A 520 6.03 6.03 -46.57
C GLU A 520 7.02 5.34 -47.52
N ILE A 521 7.13 4.01 -47.40
CA ILE A 521 7.92 3.11 -48.27
C ILE A 521 7.09 2.83 -49.53
N ASP B 35 4.91 22.10 -9.80
CA ASP B 35 4.11 21.49 -8.67
C ASP B 35 4.43 22.26 -7.38
N LYS B 36 3.52 23.11 -6.92
CA LYS B 36 3.76 24.01 -5.76
C LYS B 36 3.37 23.31 -4.45
N ARG B 37 2.86 22.07 -4.46
CA ARG B 37 2.24 21.50 -3.25
C ARG B 37 3.34 21.12 -2.26
N PRO B 38 3.10 21.37 -0.95
CA PRO B 38 4.09 21.10 0.07
C PRO B 38 4.13 19.59 0.43
N ASN B 39 5.31 19.14 0.81
CA ASN B 39 5.39 17.86 1.56
C ASN B 39 4.73 18.11 2.91
N ILE B 40 4.25 17.02 3.54
CA ILE B 40 3.57 17.11 4.86
C ILE B 40 4.09 15.97 5.73
N ILE B 41 4.62 16.32 6.90
CA ILE B 41 4.98 15.34 7.95
C ILE B 41 4.05 15.56 9.13
N LEU B 42 3.30 14.51 9.48
CA LEU B 42 2.51 14.48 10.72
C LEU B 42 3.32 13.63 11.70
N PHE B 43 3.95 14.29 12.65
CA PHE B 43 4.86 13.68 13.65
C PHE B 43 4.01 13.51 14.90
N MET B 44 3.62 12.24 15.18
CA MET B 44 2.64 11.93 16.24
C MET B 44 3.35 11.13 17.33
N VAL B 45 3.29 11.62 18.55
CA VAL B 45 3.93 10.94 19.71
C VAL B 45 2.82 10.24 20.48
N ASP B 46 3.17 9.06 21.02
CA ASP B 46 2.20 8.23 21.77
C ASP B 46 2.26 8.62 23.26
N ASP B 47 1.13 8.94 23.87
CA ASP B 47 1.03 9.12 25.34
C ASP B 47 1.92 10.26 25.83
N MET B 48 2.10 11.30 24.99
CA MET B 48 2.94 12.44 25.42
C MET B 48 2.04 13.55 25.99
N GLY B 49 2.28 13.94 27.22
CA GLY B 49 1.50 14.98 27.92
C GLY B 49 1.91 16.39 27.50
N TRP B 50 1.08 17.33 27.94
CA TRP B 50 1.21 18.78 27.61
C TRP B 50 2.52 19.34 28.20
N GLN B 51 3.07 18.72 29.24
CA GLN B 51 4.28 19.19 29.95
C GLN B 51 5.46 18.25 29.72
N ASP B 52 5.35 17.28 28.81
CA ASP B 52 6.39 16.25 28.61
C ASP B 52 7.41 16.75 27.57
N THR B 53 7.98 17.93 27.84
CA THR B 53 8.77 18.69 26.85
C THR B 53 9.51 19.79 27.61
N SER B 54 10.63 20.28 27.07
CA SER B 54 11.30 21.51 27.58
C SER B 54 10.60 22.77 27.04
N LEU B 55 9.71 22.61 26.08
CA LEU B 55 8.99 23.78 25.49
C LEU B 55 7.77 24.09 26.35
N PRO B 56 7.71 25.26 27.02
CA PRO B 56 6.56 25.57 27.86
C PRO B 56 5.28 25.88 27.08
N PHE B 57 4.22 25.09 27.26
CA PHE B 57 2.90 25.29 26.63
C PHE B 57 1.97 26.10 27.54
N TRP B 58 2.34 26.23 28.80
CA TRP B 58 1.58 27.04 29.78
C TRP B 58 2.18 28.45 29.79
N THR B 59 1.67 29.29 30.68
CA THR B 59 2.05 30.71 30.84
C THR B 59 3.26 30.83 31.75
N GLN B 60 3.78 29.73 32.26
CA GLN B 60 5.06 29.72 32.98
C GLN B 60 5.65 28.33 32.83
N LYS B 61 6.94 28.27 33.12
CA LYS B 61 7.79 27.06 33.01
C LYS B 61 7.48 26.21 34.23
N THR B 62 7.27 24.91 34.02
CA THR B 62 7.03 23.92 35.11
C THR B 62 8.33 23.22 35.45
N ASP B 63 8.34 22.49 36.57
CA ASP B 63 9.48 21.61 36.94
C ASP B 63 9.72 20.59 35.81
N TYR B 64 8.65 20.08 35.19
CA TYR B 64 8.78 19.13 34.06
C TYR B 64 9.53 19.79 32.91
N ASN B 65 9.19 21.04 32.57
CA ASN B 65 9.88 21.75 31.46
C ASN B 65 11.38 21.88 31.76
N LYS B 66 11.75 22.02 33.03
N LYS B 66 11.71 22.09 33.04
N LYS B 66 11.73 22.10 33.03
CA LYS B 66 13.17 22.23 33.43
CA LYS B 66 13.10 22.20 33.58
CA LYS B 66 13.14 22.20 33.48
C LYS B 66 13.91 20.89 33.50
C LYS B 66 13.85 20.88 33.33
C LYS B 66 13.85 20.86 33.25
N LEU B 67 13.20 19.75 33.63
CA LEU B 67 13.87 18.42 33.66
C LEU B 67 14.00 17.83 32.26
N TYR B 68 12.95 17.87 31.46
CA TYR B 68 12.95 17.22 30.13
C TYR B 68 13.77 18.05 29.13
N GLU B 69 14.18 17.40 28.05
CA GLU B 69 15.03 18.04 27.01
C GLU B 69 14.43 17.69 25.65
N THR B 70 13.82 18.70 25.00
CA THR B 70 13.29 18.57 23.62
C THR B 70 13.79 19.77 22.84
N PRO B 71 15.10 19.88 22.57
CA PRO B 71 15.64 21.03 21.83
C PRO B 71 15.05 21.14 20.42
N ASN B 72 14.72 20.02 19.78
CA ASN B 72 14.18 20.08 18.39
C ASN B 72 12.73 20.55 18.40
N MET B 73 11.97 20.31 19.48
CA MET B 73 10.61 20.89 19.60
C MET B 73 10.77 22.41 19.74
N GLU B 74 11.77 22.87 20.50
CA GLU B 74 12.01 24.33 20.69
C GLU B 74 12.40 24.93 19.33
N ARG B 75 13.25 24.26 18.57
CA ARG B 75 13.66 24.63 17.20
C ARG B 75 12.42 24.74 16.31
N LEU B 76 11.54 23.75 16.36
CA LEU B 76 10.31 23.72 15.53
C LEU B 76 9.39 24.89 15.91
N ALA B 77 9.23 25.19 17.20
CA ALA B 77 8.39 26.30 17.66
C ALA B 77 8.99 27.63 17.17
N LYS B 78 10.31 27.76 17.16
CA LYS B 78 10.97 29.01 16.71
C LYS B 78 10.64 29.21 15.22
N GLN B 79 10.42 28.16 14.44
CA GLN B 79 10.12 28.30 12.99
C GLN B 79 8.61 28.22 12.68
N GLY B 80 7.72 28.07 13.67
CA GLY B 80 6.29 27.87 13.41
C GLY B 80 5.40 28.37 14.54
N MET B 81 4.20 27.77 14.64
CA MET B 81 3.13 28.17 15.56
C MET B 81 2.91 27.08 16.61
N MET B 82 2.97 27.46 17.88
CA MET B 82 2.56 26.55 18.99
C MET B 82 1.06 26.66 19.21
N PHE B 83 0.39 25.54 19.43
CA PHE B 83 -1.03 25.52 19.82
C PHE B 83 -1.14 25.14 21.29
N THR B 84 -1.63 26.03 22.14
CA THR B 84 -1.63 25.83 23.61
C THR B 84 -2.96 25.23 24.09
N GLN B 85 -3.95 25.04 23.22
CA GLN B 85 -5.26 24.49 23.63
C GLN B 85 -5.74 23.48 22.58
N ALA B 86 -4.87 22.51 22.25
CA ALA B 86 -5.11 21.48 21.23
C ALA B 86 -5.60 20.21 21.93
N TYR B 87 -6.73 19.67 21.47
CA TYR B 87 -7.36 18.49 22.14
C TYR B 87 -7.36 17.26 21.25
N ALA B 88 -7.24 16.13 21.96
CA ALA B 88 -7.47 14.78 21.43
C ALA B 88 -8.53 14.10 22.30
N SER B 89 -8.78 12.83 22.05
CA SER B 89 -9.43 11.96 23.06
C SER B 89 -8.36 11.45 24.04
N SER B 90 -8.79 10.70 25.05
CA SER B 90 -7.91 10.37 26.21
C SER B 90 -7.26 8.98 26.06
N ILE B 91 -7.57 8.27 24.98
CA ILE B 91 -7.01 6.93 24.67
C ILE B 91 -6.64 6.90 23.18
N SER B 92 -5.66 6.12 22.81
CA SER B 92 -5.09 6.06 21.44
C SER B 92 -6.17 5.86 20.38
N SER B 93 -7.00 4.83 20.51
CA SER B 93 -7.94 4.42 19.43
C SER B 93 -8.92 5.54 19.10
N PRO B 94 -9.66 6.15 20.06
CA PRO B 94 -10.57 7.22 19.66
C PRO B 94 -9.84 8.38 18.99
N THR B 95 -8.64 8.71 19.45
CA THR B 95 -7.90 9.83 18.81
C THR B 95 -7.51 9.46 17.38
N ARG B 96 -6.84 8.33 17.20
CA ARG B 96 -6.26 7.96 15.89
C ARG B 96 -7.38 7.65 14.89
N CYS B 97 -8.48 7.01 15.32
CA CYS B 97 -9.62 6.73 14.43
C CYS B 97 -10.27 8.07 13.99
N SER B 98 -10.31 9.03 14.92
CA SER B 98 -10.82 10.39 14.61
C SER B 98 -9.90 11.07 13.60
N LEU B 99 -8.59 10.93 13.76
CA LEU B 99 -7.61 11.53 12.82
C LEU B 99 -7.87 10.99 11.41
N ILE B 100 -7.93 9.68 11.23
CA ILE B 100 -7.87 9.06 9.90
C ILE B 100 -9.23 9.18 9.19
N THR B 101 -10.32 9.31 9.94
CA THR B 101 -11.70 9.39 9.37
C THR B 101 -12.29 10.81 9.48
N GLY B 102 -11.70 11.69 10.27
CA GLY B 102 -12.21 13.06 10.45
C GLY B 102 -13.56 13.10 11.15
N THR B 103 -13.87 12.08 11.95
CA THR B 103 -15.14 12.01 12.72
C THR B 103 -14.83 12.17 14.21
N ASN B 104 -15.79 12.70 14.94
CA ASN B 104 -15.76 12.77 16.42
C ASN B 104 -15.85 11.34 16.97
N ALA B 105 -15.13 11.05 18.04
CA ALA B 105 -15.09 9.71 18.67
C ALA B 105 -16.51 9.26 19.07
N ALA B 106 -17.39 10.18 19.47
CA ALA B 106 -18.78 9.81 19.84
C ALA B 106 -19.47 9.16 18.65
N ARG B 107 -19.18 9.62 17.43
CA ARG B 107 -19.76 9.10 16.18
C ARG B 107 -19.12 7.76 15.81
N HIS B 108 -17.79 7.68 15.75
CA HIS B 108 -17.14 6.46 15.21
C HIS B 108 -17.21 5.29 16.22
N ARG B 109 -17.45 5.58 17.49
CA ARG B 109 -17.69 4.58 18.56
C ARG B 109 -16.45 3.73 18.81
N VAL B 110 -15.28 4.11 18.34
CA VAL B 110 -14.04 3.37 18.74
C VAL B 110 -13.53 4.04 20.01
N THR B 111 -14.20 3.83 21.14
CA THR B 111 -14.08 4.70 22.34
C THR B 111 -13.19 4.10 23.43
N ASN B 112 -12.59 2.93 23.18
CA ASN B 112 -11.49 2.41 24.01
C ASN B 112 -10.46 1.77 23.08
N TRP B 113 -9.37 1.25 23.63
CA TRP B 113 -8.25 0.78 22.79
C TRP B 113 -8.59 -0.57 22.17
N THR B 114 -8.19 -0.74 20.92
CA THR B 114 -8.44 -1.96 20.11
C THR B 114 -7.18 -2.84 20.08
N LEU B 115 -7.41 -4.16 19.95
CA LEU B 115 -6.32 -5.08 19.62
C LEU B 115 -6.87 -6.30 18.92
N GLN B 116 -7.61 -7.14 19.65
CA GLN B 116 -8.04 -8.45 19.11
C GLN B 116 -9.42 -8.33 18.48
N LYS B 117 -9.62 -9.02 17.37
CA LYS B 117 -10.90 -9.08 16.66
C LYS B 117 -12.01 -9.50 17.60
N ASN B 118 -13.11 -8.78 17.59
CA ASN B 118 -14.36 -9.13 18.30
C ASN B 118 -14.12 -9.24 19.81
N THR B 119 -13.09 -8.59 20.34
CA THR B 119 -12.64 -8.75 21.75
C THR B 119 -12.51 -7.38 22.43
N LYS B 120 -13.38 -7.06 23.37
CA LYS B 120 -13.34 -5.79 24.13
C LYS B 120 -12.19 -5.84 25.13
N THR B 121 -11.39 -4.78 25.18
CA THR B 121 -10.31 -4.62 26.20
C THR B 121 -10.86 -4.07 27.51
N ASP B 122 -12.13 -3.69 27.58
CA ASP B 122 -12.67 -3.00 28.77
C ASP B 122 -12.48 -3.86 30.02
N ARG B 123 -12.11 -3.23 31.13
CA ARG B 123 -12.06 -3.84 32.47
C ARG B 123 -13.51 -4.10 32.94
N LYS B 124 -13.80 -5.26 33.52
CA LYS B 124 -15.15 -5.56 34.05
C LYS B 124 -15.45 -4.58 35.20
N ASP B 125 -16.68 -4.09 35.25
CA ASP B 125 -17.21 -3.23 36.33
C ASP B 125 -18.33 -3.99 37.04
N LYS B 126 -18.48 -3.78 38.35
CA LYS B 126 -19.53 -4.41 39.19
C LYS B 126 -20.92 -3.98 38.74
N VAL B 127 -21.08 -2.73 38.28
CA VAL B 127 -22.41 -2.06 38.18
C VAL B 127 -22.79 -1.80 36.72
N LEU B 128 -21.83 -1.41 35.90
CA LEU B 128 -22.09 -1.00 34.49
C LEU B 128 -21.48 -1.97 33.50
N ASP B 129 -22.14 -2.12 32.37
CA ASP B 129 -21.64 -2.77 31.15
C ASP B 129 -21.32 -1.69 30.12
N VAL B 130 -20.25 -1.90 29.37
CA VAL B 130 -19.92 -1.00 28.24
C VAL B 130 -20.90 -1.33 27.12
N PRO B 131 -21.21 -0.39 26.21
CA PRO B 131 -22.01 -0.68 25.03
C PRO B 131 -21.24 -1.57 24.06
N ASP B 132 -21.94 -2.07 23.05
CA ASP B 132 -21.35 -2.88 21.96
C ASP B 132 -20.67 -1.90 20.99
N TRP B 133 -19.49 -1.44 21.38
CA TRP B 133 -18.78 -0.34 20.70
C TRP B 133 -18.00 -0.91 19.51
N ASN B 134 -17.34 -0.04 18.74
CA ASN B 134 -16.67 -0.50 17.50
C ASN B 134 -15.26 -0.98 17.83
N TYR B 135 -15.15 -2.09 18.54
CA TYR B 135 -13.85 -2.65 19.01
C TYR B 135 -13.05 -3.29 17.86
N ASN B 136 -13.58 -3.41 16.64
CA ASN B 136 -12.78 -3.80 15.47
C ASN B 136 -12.13 -2.56 14.81
N GLY B 137 -12.46 -1.36 15.29
CA GLY B 137 -11.82 -0.11 14.82
C GLY B 137 -12.50 0.49 13.60
N VAL B 138 -11.69 1.03 12.70
CA VAL B 138 -12.18 1.66 11.43
C VAL B 138 -11.67 0.87 10.23
N SER B 139 -12.32 1.07 9.10
CA SER B 139 -11.85 0.60 7.78
C SER B 139 -12.46 1.50 6.71
N GLN B 140 -12.06 1.32 5.46
CA GLN B 140 -12.64 2.06 4.32
C GLN B 140 -13.70 1.21 3.62
N VAL B 141 -14.02 0.02 4.15
CA VAL B 141 -14.92 -0.92 3.42
C VAL B 141 -15.99 -1.47 4.36
N PRO B 142 -17.18 -1.78 3.81
CA PRO B 142 -18.20 -2.47 4.57
C PRO B 142 -17.84 -3.95 4.80
N GLY B 143 -18.70 -4.64 5.55
CA GLY B 143 -18.71 -6.11 5.63
C GLY B 143 -18.26 -6.67 6.97
N THR B 144 -17.73 -5.85 7.88
CA THR B 144 -17.28 -6.32 9.22
C THR B 144 -18.10 -5.65 10.32
N ASN B 145 -18.60 -6.45 11.26
CA ASN B 145 -19.31 -5.94 12.46
C ASN B 145 -18.37 -5.03 13.29
N ASN B 146 -18.98 -4.15 14.09
CA ASN B 146 -18.28 -3.36 15.13
C ASN B 146 -17.10 -2.59 14.52
N THR B 147 -17.32 -2.06 13.32
CA THR B 147 -16.35 -1.27 12.56
C THR B 147 -17.03 0.01 12.11
N PHE B 148 -16.34 1.12 12.26
CA PHE B 148 -16.78 2.38 11.61
C PHE B 148 -16.12 2.52 10.24
N VAL B 149 -16.94 2.76 9.22
CA VAL B 149 -16.44 2.83 7.82
C VAL B 149 -16.26 4.31 7.45
N GLY B 150 -15.05 4.67 7.07
CA GLY B 150 -14.73 6.06 6.67
C GLY B 150 -13.69 6.10 5.58
N THR B 151 -13.86 7.07 4.68
CA THR B 151 -12.88 7.45 3.65
C THR B 151 -11.67 8.06 4.35
N SER B 152 -10.50 7.52 4.07
CA SER B 152 -9.21 7.92 4.66
C SER B 152 -8.71 9.22 4.04
N PHE B 153 -8.26 10.21 4.82
CA PHE B 153 -7.64 11.41 4.20
C PHE B 153 -6.36 10.99 3.48
N VAL B 154 -5.70 9.93 3.94
CA VAL B 154 -4.42 9.49 3.31
C VAL B 154 -4.73 8.91 1.94
N GLN B 155 -5.88 8.25 1.79
CA GLN B 155 -6.30 7.72 0.47
C GLN B 155 -6.56 8.91 -0.49
N LEU B 156 -7.20 9.95 0.02
CA LEU B 156 -7.44 11.18 -0.80
C LEU B 156 -6.09 11.83 -1.15
N LEU B 157 -5.12 11.86 -0.23
CA LEU B 157 -3.78 12.40 -0.57
C LEU B 157 -3.16 11.59 -1.71
N LYS B 158 -3.13 10.27 -1.56
CA LYS B 158 -2.54 9.41 -2.61
C LYS B 158 -3.28 9.61 -3.95
N ASP B 159 -4.60 9.65 -3.91
CA ASP B 159 -5.44 9.79 -5.13
C ASP B 159 -5.08 11.11 -5.82
N SER B 160 -4.69 12.14 -5.06
CA SER B 160 -4.32 13.48 -5.59
C SER B 160 -2.87 13.50 -6.10
N GLY B 161 -2.10 12.44 -5.85
CA GLY B 161 -0.73 12.30 -6.38
C GLY B 161 0.37 12.44 -5.33
N TYR B 162 0.03 12.43 -4.05
CA TYR B 162 1.05 12.37 -2.96
C TYR B 162 1.63 10.95 -2.90
N HIS B 163 2.92 10.86 -2.62
CA HIS B 163 3.57 9.62 -2.17
C HIS B 163 3.35 9.51 -0.67
N THR B 164 2.84 8.36 -0.18
CA THR B 164 2.38 8.24 1.23
C THR B 164 3.23 7.20 1.98
N ILE B 165 3.75 7.61 3.13
CA ILE B 165 4.65 6.77 3.98
C ILE B 165 4.06 6.73 5.38
N HIS B 166 3.87 5.51 5.90
CA HIS B 166 3.52 5.26 7.31
C HIS B 166 4.76 4.73 8.03
N CYS B 167 5.07 5.29 9.19
CA CYS B 167 6.23 4.83 10.00
C CYS B 167 5.80 4.77 11.46
N GLY B 168 5.76 3.56 12.02
CA GLY B 168 5.53 3.37 13.46
C GLY B 168 4.14 2.83 13.78
N LYS B 169 3.53 3.44 14.79
CA LYS B 169 2.26 2.96 15.39
C LYS B 169 1.10 3.28 14.47
N ALA B 170 0.32 2.28 14.08
CA ALA B 170 -0.89 2.44 13.24
C ALA B 170 -2.12 2.41 14.15
N HIS B 171 -2.49 1.21 14.63
CA HIS B 171 -3.55 1.10 15.65
C HIS B 171 -4.88 1.66 15.13
N PHE B 172 -5.27 1.29 13.91
CA PHE B 172 -6.55 1.75 13.32
C PHE B 172 -7.59 0.63 13.29
N GLY B 173 -7.16 -0.62 13.20
CA GLY B 173 -8.08 -1.76 13.10
C GLY B 173 -7.59 -2.92 13.94
N ALA B 174 -8.53 -3.72 14.40
CA ALA B 174 -8.19 -4.92 15.18
C ALA B 174 -7.46 -5.92 14.28
N ILE B 175 -6.75 -6.84 14.92
CA ILE B 175 -6.09 -7.98 14.21
C ILE B 175 -7.12 -8.68 13.33
N ASP B 176 -6.73 -9.10 12.15
CA ASP B 176 -7.56 -9.88 11.19
C ASP B 176 -8.79 -9.08 10.72
N THR B 177 -8.67 -7.73 10.75
CA THR B 177 -9.64 -6.81 10.09
C THR B 177 -8.86 -5.98 9.08
N PRO B 178 -9.51 -5.52 8.00
CA PRO B 178 -8.77 -4.83 6.93
C PRO B 178 -7.99 -3.60 7.40
N GLY B 179 -8.52 -2.89 8.39
CA GLY B 179 -7.89 -1.69 8.97
C GLY B 179 -6.56 -1.94 9.65
N GLU B 180 -6.20 -3.22 9.94
CA GLU B 180 -4.94 -3.51 10.66
C GLU B 180 -3.72 -3.09 9.83
N ASP B 181 -3.85 -3.11 8.51
CA ASP B 181 -2.74 -2.91 7.54
C ASP B 181 -2.70 -1.44 7.14
N PRO B 182 -1.63 -0.67 7.43
CA PRO B 182 -1.52 0.70 6.92
C PRO B 182 -1.77 0.87 5.43
N HIS B 183 -1.43 -0.12 4.60
CA HIS B 183 -1.65 -0.05 3.13
C HIS B 183 -3.15 0.07 2.83
N HIS B 184 -4.01 -0.42 3.70
CA HIS B 184 -5.48 -0.32 3.51
C HIS B 184 -5.88 1.17 3.47
N TRP B 185 -5.15 1.98 4.23
CA TRP B 185 -5.47 3.41 4.50
C TRP B 185 -5.01 4.32 3.36
N GLY B 186 -4.30 3.77 2.37
CA GLY B 186 -3.74 4.58 1.28
C GLY B 186 -2.26 4.87 1.42
N PHE B 187 -1.57 4.28 2.39
CA PHE B 187 -0.09 4.37 2.53
C PHE B 187 0.56 3.42 1.54
N GLU B 188 1.52 3.93 0.78
CA GLU B 188 2.32 3.11 -0.17
C GLU B 188 3.43 2.39 0.57
N VAL B 189 4.04 3.04 1.54
CA VAL B 189 5.14 2.46 2.36
C VAL B 189 4.64 2.26 3.77
N ASN B 190 4.91 1.08 4.35
CA ASN B 190 4.63 0.79 5.77
C ASN B 190 5.93 0.35 6.44
N ILE B 191 6.39 1.13 7.41
CA ILE B 191 7.49 0.74 8.34
C ILE B 191 6.83 0.47 9.69
N ALA B 192 6.76 -0.81 10.10
CA ALA B 192 6.49 -1.25 11.49
C ALA B 192 5.03 -1.05 11.94
N GLY B 193 4.10 -0.77 11.05
CA GLY B 193 2.69 -0.54 11.44
C GLY B 193 1.86 -1.81 11.36
N HIS B 194 0.97 -1.99 12.33
CA HIS B 194 0.04 -3.15 12.39
C HIS B 194 -1.13 -2.80 13.31
N ALA B 195 -1.88 -3.79 13.77
CA ALA B 195 -3.04 -3.59 14.65
C ALA B 195 -2.62 -3.01 16.00
N ALA B 196 -1.43 -3.33 16.49
CA ALA B 196 -1.08 -3.07 17.91
C ALA B 196 -0.85 -1.60 18.17
N GLY B 197 -1.22 -1.12 19.33
CA GLY B 197 -1.00 0.28 19.77
C GLY B 197 0.02 0.36 20.91
N GLY B 198 0.74 -0.72 21.16
CA GLY B 198 1.87 -0.70 22.12
C GLY B 198 3.07 -1.40 21.52
N LEU B 199 4.08 -1.65 22.36
CA LEU B 199 5.31 -2.33 21.89
C LEU B 199 5.83 -3.22 23.02
N ALA B 200 6.40 -4.35 22.65
CA ALA B 200 6.88 -5.36 23.61
C ALA B 200 8.18 -4.89 24.25
N SER B 201 9.03 -4.22 23.47
CA SER B 201 10.36 -3.74 23.92
C SER B 201 10.86 -2.64 22.98
N TYR B 202 11.52 -1.64 23.56
CA TYR B 202 12.25 -0.60 22.79
C TYR B 202 13.61 -1.09 22.28
N LEU B 203 14.07 -2.28 22.72
CA LEU B 203 15.51 -2.66 22.56
C LEU B 203 15.72 -3.57 21.36
N GLY B 204 16.69 -3.19 20.51
CA GLY B 204 17.17 -4.02 19.41
C GLY B 204 17.71 -5.36 19.91
N GLU B 205 18.31 -5.37 21.11
N GLU B 205 18.34 -5.34 21.09
CA GLU B 205 18.91 -6.59 21.70
CA GLU B 205 18.99 -6.53 21.68
C GLU B 205 17.79 -7.57 22.10
C GLU B 205 17.89 -7.53 22.05
N GLU B 206 16.54 -7.11 22.22
N GLU B 206 16.63 -7.10 22.22
CA GLU B 206 15.37 -8.00 22.50
CA GLU B 206 15.46 -8.00 22.48
C GLU B 206 14.57 -8.19 21.19
C GLU B 206 14.60 -8.15 21.21
N ASN B 207 15.13 -7.78 20.05
CA ASN B 207 14.46 -7.89 18.73
C ASN B 207 13.08 -7.21 18.76
N TYR B 208 12.92 -6.16 19.58
CA TYR B 208 11.64 -5.44 19.76
C TYR B 208 10.51 -6.44 20.06
N GLY B 209 10.83 -7.54 20.77
CA GLY B 209 9.82 -8.52 21.21
C GLY B 209 9.75 -9.76 20.33
N HIS B 210 10.87 -10.20 19.74
CA HIS B 210 10.97 -11.54 19.08
C HIS B 210 12.07 -12.36 19.76
N ASN B 211 11.89 -13.68 19.79
CA ASN B 211 12.93 -14.58 20.33
C ASN B 211 14.03 -14.75 19.26
N LYS B 212 15.05 -15.55 19.58
CA LYS B 212 16.22 -15.81 18.71
C LYS B 212 15.79 -16.38 17.35
N ASP B 213 14.67 -17.12 17.31
CA ASP B 213 14.12 -17.78 16.10
C ASP B 213 13.26 -16.81 15.29
N GLY B 214 13.04 -15.59 15.79
CA GLY B 214 12.18 -14.59 15.16
C GLY B 214 10.71 -14.70 15.55
N LYS B 215 10.36 -15.56 16.50
CA LYS B 215 8.94 -15.70 16.93
C LYS B 215 8.56 -14.50 17.78
N PRO B 216 7.42 -13.84 17.51
CA PRO B 216 6.95 -12.75 18.37
C PRO B 216 6.62 -13.24 19.79
N ILE B 217 7.02 -12.50 20.81
N ILE B 217 7.01 -12.48 20.81
CA ILE B 217 6.82 -12.87 22.26
CA ILE B 217 6.84 -12.83 22.25
C ILE B 217 5.40 -12.50 22.68
C ILE B 217 5.44 -12.42 22.72
N SER B 218 4.75 -11.59 21.94
CA SER B 218 3.39 -11.11 22.25
C SER B 218 2.82 -10.40 21.01
N LEU B 219 1.57 -9.98 21.10
CA LEU B 219 0.87 -9.24 20.03
C LEU B 219 1.49 -7.84 19.87
N MET B 220 2.28 -7.37 20.83
CA MET B 220 2.93 -6.03 20.78
C MET B 220 4.33 -6.13 20.16
N ALA B 221 4.80 -7.29 19.70
CA ALA B 221 6.10 -7.36 18.99
C ALA B 221 6.08 -6.32 17.84
N VAL B 222 7.17 -5.57 17.64
CA VAL B 222 7.22 -4.52 16.57
C VAL B 222 7.72 -5.20 15.30
N PRO B 223 6.91 -5.27 14.21
CA PRO B 223 7.35 -5.91 12.98
C PRO B 223 8.20 -5.02 12.07
N GLY B 224 8.89 -5.64 11.11
CA GLY B 224 9.53 -4.96 9.98
C GLY B 224 10.90 -4.35 10.29
N LEU B 225 11.48 -4.62 11.46
CA LEU B 225 12.78 -4.04 11.88
C LEU B 225 13.83 -5.15 12.07
N GLU B 226 13.70 -6.24 11.32
CA GLU B 226 14.58 -7.43 11.45
C GLU B 226 16.04 -7.03 11.26
N LYS B 227 16.34 -6.03 10.41
CA LYS B 227 17.76 -5.67 10.12
C LYS B 227 18.43 -5.09 11.38
N TYR B 228 17.66 -4.67 12.39
CA TYR B 228 18.19 -4.05 13.63
C TYR B 228 18.23 -5.06 14.78
N TRP B 229 17.70 -6.26 14.59
CA TRP B 229 17.69 -7.30 15.64
C TRP B 229 19.13 -7.62 16.06
N GLY B 230 19.36 -7.69 17.37
CA GLY B 230 20.67 -7.98 17.95
C GLY B 230 21.62 -6.81 17.97
N THR B 231 21.17 -5.63 17.55
CA THR B 231 21.99 -4.40 17.59
C THR B 231 21.53 -3.52 18.76
N GLU B 232 22.38 -2.59 19.19
CA GLU B 232 22.08 -1.60 20.25
C GLU B 232 21.27 -0.45 19.67
N THR B 233 20.28 -0.72 18.83
CA THR B 233 19.46 0.32 18.16
C THR B 233 18.11 0.40 18.88
N PHE B 234 17.85 1.53 19.54
CA PHE B 234 16.55 1.82 20.19
C PHE B 234 15.50 1.90 19.07
N VAL B 235 14.27 1.49 19.36
CA VAL B 235 13.24 1.38 18.31
C VAL B 235 13.04 2.77 17.67
N THR B 236 13.10 3.81 18.49
CA THR B 236 12.90 5.21 17.99
C THR B 236 13.97 5.50 16.94
N GLU B 237 15.22 5.11 17.18
CA GLU B 237 16.34 5.33 16.23
C GLU B 237 16.11 4.49 14.97
N ALA B 238 15.72 3.22 15.11
CA ALA B 238 15.45 2.34 13.94
C ALA B 238 14.38 2.96 13.06
N LEU B 239 13.29 3.44 13.65
CA LEU B 239 12.16 4.01 12.89
C LEU B 239 12.70 5.23 12.13
N THR B 240 13.53 6.03 12.78
CA THR B 240 14.08 7.26 12.17
C THR B 240 14.94 6.89 10.95
N LEU B 241 15.82 5.91 11.11
CA LEU B 241 16.71 5.47 10.02
C LEU B 241 15.86 4.94 8.85
N GLU B 242 14.81 4.16 9.14
CA GLU B 242 13.93 3.64 8.07
C GLU B 242 13.16 4.79 7.39
N ALA B 243 12.68 5.76 8.16
CA ALA B 243 11.93 6.93 7.63
C ALA B 243 12.86 7.70 6.69
N ILE B 244 14.10 7.91 7.08
CA ILE B 244 15.07 8.66 6.23
C ILE B 244 15.35 7.87 4.94
N LYS B 245 15.48 6.55 4.99
CA LYS B 245 15.60 5.76 3.74
C LYS B 245 14.37 6.02 2.84
N ALA B 246 13.18 6.02 3.42
CA ALA B 246 11.91 6.22 2.68
C ALA B 246 11.87 7.64 2.11
N LEU B 247 12.39 8.62 2.85
CA LEU B 247 12.41 10.03 2.36
C LEU B 247 13.41 10.17 1.22
N ASN B 248 14.57 9.49 1.27
CA ASN B 248 15.53 9.53 0.15
C ASN B 248 14.86 9.00 -1.12
N LYS B 249 14.06 7.94 -0.99
CA LYS B 249 13.24 7.40 -2.11
C LYS B 249 12.24 8.46 -2.56
N ALA B 250 11.50 9.04 -1.60
CA ALA B 250 10.48 10.05 -1.87
C ALA B 250 11.05 11.20 -2.73
N LYS B 251 12.26 11.64 -2.43
CA LYS B 251 12.87 12.77 -3.19
C LYS B 251 13.06 12.35 -4.64
N LYS B 252 13.38 11.09 -4.89
CA LYS B 252 13.63 10.57 -6.26
C LYS B 252 12.32 10.40 -7.04
N TYR B 253 11.18 10.37 -6.37
CA TYR B 253 9.89 10.06 -7.06
C TYR B 253 9.24 11.28 -7.73
N ASN B 254 9.70 12.50 -7.45
CA ASN B 254 9.15 13.72 -8.11
C ASN B 254 7.65 13.84 -7.82
N GLN B 255 7.29 13.67 -6.56
CA GLN B 255 5.91 13.78 -6.02
C GLN B 255 6.04 14.49 -4.67
N PRO B 256 5.02 15.27 -4.26
CA PRO B 256 4.93 15.68 -2.89
C PRO B 256 4.77 14.41 -2.03
N PHE B 257 5.35 14.41 -0.84
CA PHE B 257 5.20 13.25 0.08
C PHE B 257 4.40 13.66 1.30
N TYR B 258 3.71 12.65 1.84
CA TYR B 258 3.07 12.66 3.17
C TYR B 258 3.73 11.57 4.00
N LEU B 259 4.37 11.96 5.09
CA LEU B 259 4.99 11.02 6.07
C LEU B 259 4.19 11.12 7.37
N TYR B 260 3.63 9.98 7.80
CA TYR B 260 3.02 9.86 9.13
C TYR B 260 4.07 9.22 10.03
N MET B 261 4.78 10.03 10.78
CA MET B 261 5.88 9.59 11.65
C MET B 261 5.28 9.40 13.04
N SER B 262 4.77 8.18 13.25
CA SER B 262 3.91 7.82 14.40
C SER B 262 4.74 7.02 15.42
N GLN B 263 5.36 7.70 16.37
CA GLN B 263 6.30 7.09 17.35
C GLN B 263 5.57 6.01 18.15
N TYR B 264 6.29 4.94 18.50
CA TYR B 264 5.85 4.04 19.59
C TYR B 264 6.19 4.69 20.94
N ALA B 265 7.29 5.44 21.01
CA ALA B 265 7.58 6.36 22.15
C ALA B 265 6.38 7.29 22.36
N ILE B 266 5.97 7.58 23.62
CA ILE B 266 6.68 7.28 24.86
C ILE B 266 5.86 6.29 25.71
N HIS B 267 5.21 5.34 25.05
CA HIS B 267 4.39 4.26 25.67
C HIS B 267 5.23 3.37 26.59
N VAL B 268 4.58 2.90 27.66
CA VAL B 268 5.16 1.82 28.52
C VAL B 268 5.36 0.58 27.65
N PRO B 269 6.29 -0.33 27.98
CA PRO B 269 7.13 -0.27 29.18
C PRO B 269 8.24 0.80 29.10
N LEU B 270 8.63 1.38 30.24
CA LEU B 270 9.66 2.45 30.25
C LEU B 270 11.05 1.81 30.20
N ASP B 271 11.41 1.30 29.03
CA ASP B 271 12.78 0.81 28.75
C ASP B 271 13.71 2.02 28.65
N LYS B 272 14.72 2.14 29.48
CA LYS B 272 15.64 3.29 29.40
C LYS B 272 16.45 3.25 28.09
N ASP B 273 16.65 4.43 27.50
CA ASP B 273 17.60 4.60 26.38
C ASP B 273 18.94 5.05 26.97
N LYS B 274 19.93 4.15 26.92
CA LYS B 274 21.28 4.33 27.52
C LYS B 274 21.97 5.57 26.92
N ARG B 275 21.54 6.04 25.74
CA ARG B 275 22.15 7.26 25.13
C ARG B 275 21.97 8.47 26.05
N PHE B 276 20.92 8.51 26.88
CA PHE B 276 20.48 9.72 27.60
C PHE B 276 20.30 9.48 29.10
N TYR B 277 20.33 8.24 29.56
CA TYR B 277 19.81 7.89 30.90
C TYR B 277 20.61 8.52 32.03
N ASP B 278 21.94 8.45 32.01
CA ASP B 278 22.77 8.84 33.19
C ASP B 278 22.53 10.32 33.52
N LYS B 279 22.36 11.14 32.50
CA LYS B 279 22.10 12.59 32.69
C LYS B 279 20.87 12.81 33.58
N TYR B 280 19.78 12.11 33.33
CA TYR B 280 18.53 12.30 34.10
C TYR B 280 18.69 11.78 35.54
N LYS B 281 19.47 10.70 35.76
CA LYS B 281 19.81 10.27 37.13
C LYS B 281 20.58 11.40 37.85
N LYS B 282 21.46 12.11 37.14
CA LYS B 282 22.27 13.22 37.73
C LYS B 282 21.38 14.44 37.98
N LYS B 283 20.21 14.51 37.37
CA LYS B 283 19.17 15.52 37.70
C LYS B 283 18.33 15.09 38.90
N GLY B 284 18.66 13.96 39.55
CA GLY B 284 17.97 13.50 40.78
C GLY B 284 16.68 12.77 40.51
N MET B 285 16.44 12.33 39.28
CA MET B 285 15.15 11.70 38.88
C MET B 285 15.20 10.23 39.29
N THR B 286 14.04 9.67 39.59
CA THR B 286 13.93 8.22 39.92
C THR B 286 14.28 7.40 38.67
N ASP B 287 14.53 6.11 38.86
CA ASP B 287 14.85 5.22 37.73
C ASP B 287 13.76 5.33 36.65
N HIS B 288 12.49 5.26 37.00
CA HIS B 288 11.37 5.26 36.03
C HIS B 288 11.27 6.66 35.39
N GLU B 289 11.38 7.71 36.20
CA GLU B 289 11.24 9.09 35.63
C GLU B 289 12.42 9.38 34.71
N ALA B 290 13.64 8.99 35.07
CA ALA B 290 14.82 9.13 34.18
C ALA B 290 14.58 8.33 32.89
N ALA B 291 14.07 7.10 32.98
CA ALA B 291 13.77 6.31 31.76
C ALA B 291 12.76 7.05 30.89
N TYR B 292 11.70 7.56 31.50
CA TYR B 292 10.63 8.33 30.82
C TYR B 292 11.28 9.52 30.09
N ALA B 293 12.15 10.23 30.77
CA ALA B 293 12.85 11.40 30.16
C ALA B 293 13.65 10.93 28.94
N THR B 294 14.28 9.76 28.97
CA THR B 294 15.08 9.25 27.83
C THR B 294 14.17 8.96 26.63
N LEU B 295 12.93 8.52 26.85
CA LEU B 295 11.99 8.24 25.73
C LEU B 295 11.67 9.58 25.05
N ILE B 296 11.45 10.59 25.87
CA ILE B 296 11.13 11.97 25.37
C ILE B 296 12.32 12.48 24.58
N GLU B 297 13.53 12.38 25.10
CA GLU B 297 14.72 12.94 24.43
C GLU B 297 14.96 12.21 23.11
N GLY B 298 14.76 10.90 23.06
CA GLY B 298 14.94 10.17 21.80
C GLY B 298 13.88 10.51 20.78
N MET B 299 12.65 10.75 21.22
CA MET B 299 11.55 11.16 20.33
C MET B 299 11.98 12.52 19.72
N ASP B 300 12.59 13.36 20.52
CA ASP B 300 12.99 14.73 20.08
C ASP B 300 14.17 14.59 19.12
N LYS B 301 15.07 13.64 19.33
CA LYS B 301 16.19 13.35 18.38
C LYS B 301 15.63 12.92 17.03
N SER B 302 14.60 12.06 17.01
CA SER B 302 13.90 11.65 15.77
C SER B 302 13.41 12.90 15.01
N LEU B 303 12.72 13.78 15.70
CA LEU B 303 12.21 15.05 15.11
C LEU B 303 13.39 15.84 14.51
N GLY B 304 14.45 16.03 15.29
CA GLY B 304 15.64 16.74 14.83
C GLY B 304 16.28 16.12 13.60
N ASP B 305 16.34 14.80 13.55
CA ASP B 305 16.98 14.07 12.44
C ASP B 305 16.16 14.26 11.17
N LEU B 306 14.83 14.29 11.28
CA LEU B 306 13.97 14.55 10.09
C LEU B 306 14.14 16.01 9.66
N MET B 307 14.17 16.95 10.59
CA MET B 307 14.37 18.39 10.26
C MET B 307 15.74 18.55 9.59
N ASP B 308 16.77 17.87 10.10
CA ASP B 308 18.12 17.94 9.49
C ASP B 308 18.06 17.39 8.05
N TRP B 309 17.35 16.28 7.83
CA TRP B 309 17.23 15.69 6.48
C TRP B 309 16.57 16.71 5.53
N LEU B 310 15.50 17.37 5.98
CA LEU B 310 14.78 18.37 5.15
C LEU B 310 15.76 19.48 4.77
N GLU B 311 16.59 19.93 5.70
CA GLU B 311 17.54 21.05 5.47
C GLU B 311 18.60 20.59 4.45
N LYS B 312 19.16 19.40 4.61
CA LYS B 312 20.27 18.90 3.75
C LYS B 312 19.75 18.59 2.34
N SER B 313 18.49 18.19 2.20
CA SER B 313 17.86 17.75 0.93
C SER B 313 17.23 18.93 0.17
N GLY B 314 17.22 20.12 0.74
CA GLY B 314 16.60 21.31 0.12
C GLY B 314 15.08 21.25 0.12
N GLU B 315 14.48 20.47 1.03
CA GLU B 315 13.01 20.29 1.11
C GLU B 315 12.44 21.10 2.27
N ALA B 316 13.26 21.70 3.12
CA ALA B 316 12.78 22.33 4.37
C ALA B 316 11.80 23.47 4.07
N ASP B 317 12.01 24.28 3.05
N ASP B 317 12.08 24.23 3.01
CA ASP B 317 11.14 25.47 2.86
CA ASP B 317 11.31 25.44 2.61
C ASP B 317 9.92 25.10 2.00
C ASP B 317 9.88 25.05 2.21
N ASN B 318 9.67 23.81 1.75
CA ASN B 318 8.39 23.39 1.10
C ASN B 318 7.84 22.17 1.84
N THR B 319 8.10 22.08 3.14
CA THR B 319 7.58 20.96 3.98
C THR B 319 6.85 21.50 5.20
N ILE B 320 5.62 21.01 5.41
CA ILE B 320 4.83 21.23 6.64
C ILE B 320 5.23 20.18 7.67
N ILE B 321 5.50 20.61 8.88
CA ILE B 321 5.65 19.66 10.02
C ILE B 321 4.54 19.98 11.02
N ILE B 322 3.69 18.98 11.25
CA ILE B 322 2.68 19.03 12.35
C ILE B 322 3.18 18.12 13.44
N PHE B 323 3.40 18.66 14.62
CA PHE B 323 3.75 17.88 15.85
C PHE B 323 2.48 17.72 16.67
N MET B 324 2.21 16.47 17.12
CA MET B 324 0.97 16.19 17.88
C MET B 324 1.20 14.96 18.75
N SER B 325 0.37 14.83 19.76
CA SER B 325 0.32 13.61 20.62
C SER B 325 -1.10 13.08 20.64
N ASP B 326 -1.29 11.76 20.90
CA ASP B 326 -2.62 11.14 20.71
C ASP B 326 -3.48 11.16 21.97
N ASN B 327 -2.89 11.40 23.14
CA ASN B 327 -3.60 11.48 24.44
C ASN B 327 -2.62 11.97 25.51
N GLY B 328 -3.11 12.24 26.71
CA GLY B 328 -2.28 12.79 27.79
C GLY B 328 -1.24 11.82 28.33
N GLY B 329 -0.31 12.36 29.13
CA GLY B 329 0.74 11.57 29.77
C GLY B 329 0.10 10.58 30.74
N LEU B 330 0.71 9.40 30.83
CA LEU B 330 0.22 8.38 31.81
C LEU B 330 0.39 8.92 33.23
N ALA B 331 -0.69 8.94 34.00
CA ALA B 331 -0.67 9.50 35.37
C ALA B 331 -1.39 8.56 36.37
N ALA B 332 -1.89 7.39 35.93
CA ALA B 332 -2.76 6.54 36.76
C ALA B 332 -2.08 5.23 37.20
N GLU B 333 -0.83 4.97 36.81
CA GLU B 333 -0.10 3.71 37.10
C GLU B 333 1.15 4.04 37.90
N SER B 334 1.10 3.93 39.23
CA SER B 334 2.24 4.21 40.11
C SER B 334 3.38 3.21 39.89
N TYR B 335 3.09 2.07 39.26
CA TYR B 335 4.14 1.09 38.93
C TYR B 335 5.04 1.54 37.79
N TRP B 336 4.67 2.60 37.03
CA TRP B 336 5.53 3.21 36.01
C TRP B 336 5.89 4.66 36.36
N ARG B 337 5.00 5.39 37.05
CA ARG B 337 5.18 6.85 37.28
C ARG B 337 5.37 7.15 38.77
N ASP B 338 6.41 7.92 39.08
CA ASP B 338 6.72 8.43 40.43
C ASP B 338 6.17 9.86 40.57
N GLY B 339 6.17 10.34 41.80
CA GLY B 339 5.42 11.55 42.17
C GLY B 339 3.96 11.24 42.45
N LYS B 340 3.24 12.20 43.03
CA LYS B 340 1.84 12.00 43.46
C LYS B 340 1.00 11.51 42.28
N LEU B 341 0.25 10.43 42.45
CA LEU B 341 -0.53 9.85 41.34
C LEU B 341 -1.52 10.89 40.80
N HIS B 342 -1.75 10.86 39.49
CA HIS B 342 -2.76 11.69 38.79
C HIS B 342 -2.26 13.15 38.71
N THR B 343 -0.95 13.38 38.84
CA THR B 343 -0.37 14.76 38.75
C THR B 343 0.75 14.87 37.69
N GLN B 344 0.95 13.85 36.85
CA GLN B 344 2.13 13.76 35.95
C GLN B 344 1.99 14.70 34.74
N ASN B 345 0.89 15.44 34.65
CA ASN B 345 0.68 16.47 33.60
C ASN B 345 0.46 17.81 34.30
N HIS B 346 0.88 17.99 35.54
CA HIS B 346 0.62 19.26 36.28
C HIS B 346 1.15 20.43 35.45
N PRO B 347 0.43 21.57 35.37
CA PRO B 347 -0.71 21.88 36.24
C PRO B 347 -2.06 21.28 35.85
N LEU B 348 -2.11 20.53 34.74
CA LEU B 348 -3.35 19.82 34.35
C LEU B 348 -3.63 18.70 35.37
N ASN B 349 -4.91 18.39 35.51
CA ASN B 349 -5.42 17.31 36.37
C ASN B 349 -5.38 15.99 35.60
N SER B 350 -4.87 14.94 36.24
CA SER B 350 -5.02 13.55 35.76
C SER B 350 -4.17 13.33 34.49
N GLY B 351 -4.57 12.42 33.62
CA GLY B 351 -3.72 11.97 32.51
C GLY B 351 -4.45 11.01 31.61
N LYS B 352 -3.70 10.26 30.83
CA LYS B 352 -4.21 9.25 29.89
C LYS B 352 -5.47 8.60 30.47
N GLY B 353 -6.51 8.47 29.65
CA GLY B 353 -7.78 7.85 30.05
C GLY B 353 -8.77 8.80 30.69
N SER B 354 -8.33 10.01 31.06
CA SER B 354 -9.16 11.03 31.75
C SER B 354 -9.75 12.02 30.73
N THR B 355 -10.97 12.43 30.98
CA THR B 355 -11.64 13.53 30.25
C THR B 355 -11.16 14.87 30.83
N TYR B 356 -10.49 14.87 31.99
CA TYR B 356 -9.82 16.09 32.52
C TYR B 356 -8.73 16.50 31.53
N GLU B 357 -8.35 17.79 31.56
CA GLU B 357 -7.35 18.39 30.64
C GLU B 357 -6.08 17.51 30.53
N GLY B 358 -5.63 16.93 31.64
CA GLY B 358 -4.40 16.10 31.65
C GLY B 358 -4.46 14.94 30.67
N GLY B 359 -5.66 14.41 30.39
CA GLY B 359 -5.85 13.28 29.47
C GLY B 359 -6.07 13.69 28.01
N ILE B 360 -6.46 14.96 27.74
CA ILE B 360 -6.93 15.34 26.37
C ILE B 360 -6.15 16.54 25.79
N ARG B 361 -5.41 17.30 26.60
CA ARG B 361 -4.73 18.52 26.06
C ARG B 361 -3.30 18.15 25.66
N GLU B 362 -2.97 18.39 24.39
CA GLU B 362 -1.76 17.83 23.75
C GLU B 362 -0.80 18.92 23.31
N PRO B 363 0.51 18.66 23.38
CA PRO B 363 1.52 19.54 22.79
C PRO B 363 1.36 19.46 21.26
N MET B 364 1.19 20.64 20.65
CA MET B 364 0.97 20.71 19.19
C MET B 364 1.75 21.91 18.64
N ILE B 365 2.47 21.67 17.57
CA ILE B 365 3.25 22.71 16.84
C ILE B 365 3.02 22.51 15.35
N VAL B 366 2.91 23.61 14.60
CA VAL B 366 2.86 23.49 13.12
C VAL B 366 3.90 24.45 12.53
N SER B 367 4.81 23.91 11.74
CA SER B 367 5.80 24.67 10.96
C SER B 367 5.41 24.57 9.49
N TRP B 368 5.38 25.73 8.81
CA TRP B 368 5.08 25.79 7.36
C TRP B 368 5.79 27.01 6.81
N PRO B 369 7.10 26.86 6.53
CA PRO B 369 7.93 28.02 6.20
C PRO B 369 7.33 28.76 5.00
N GLY B 370 7.26 30.08 5.17
CA GLY B 370 6.72 30.98 4.14
C GLY B 370 5.21 31.09 4.19
N VAL B 371 4.51 30.31 5.03
CA VAL B 371 3.01 30.37 5.14
C VAL B 371 2.58 30.72 6.56
N VAL B 372 3.20 30.08 7.57
CA VAL B 372 2.87 30.26 9.01
C VAL B 372 3.97 31.11 9.64
N ALA B 373 3.57 32.13 10.42
CA ALA B 373 4.52 33.05 11.08
C ALA B 373 5.39 32.29 12.06
N PRO B 374 6.72 32.47 12.01
CA PRO B 374 7.61 31.82 12.96
C PRO B 374 7.48 32.43 14.36
N GLY B 375 7.54 31.57 15.37
CA GLY B 375 7.55 32.03 16.76
C GLY B 375 6.17 32.45 17.20
N SER B 376 5.12 32.00 16.51
CA SER B 376 3.73 32.42 16.78
C SER B 376 3.05 31.44 17.76
N LYS B 377 1.96 31.88 18.35
CA LYS B 377 1.21 31.07 19.32
C LYS B 377 -0.28 31.24 19.05
N CYS B 378 -1.04 30.16 19.18
CA CYS B 378 -2.49 30.13 19.05
C CYS B 378 -3.10 29.44 20.27
N ASN B 379 -3.97 30.12 21.03
N ASN B 379 -4.00 30.16 20.96
CA ASN B 379 -4.61 29.53 22.25
CA ASN B 379 -4.61 29.75 22.24
C ASN B 379 -6.05 29.11 21.93
C ASN B 379 -6.09 29.38 21.97
N ASP B 380 -6.49 29.24 20.69
CA ASP B 380 -7.87 28.85 20.30
C ASP B 380 -7.93 27.31 20.29
N TYR B 381 -9.04 26.77 20.75
CA TYR B 381 -9.16 25.30 20.89
C TYR B 381 -9.49 24.65 19.54
N LEU B 382 -9.13 23.36 19.44
CA LEU B 382 -9.39 22.52 18.27
C LEU B 382 -9.39 21.06 18.74
N LEU B 383 -9.92 20.17 17.91
CA LEU B 383 -9.95 18.71 18.19
C LEU B 383 -9.24 17.96 17.07
N ILE B 384 -8.67 16.80 17.40
CA ILE B 384 -7.91 15.96 16.44
C ILE B 384 -8.66 15.74 15.12
N GLU B 385 -9.99 15.56 15.07
CA GLU B 385 -10.66 15.31 13.77
C GLU B 385 -10.44 16.50 12.81
N ASP B 386 -10.16 17.67 13.36
CA ASP B 386 -9.88 18.89 12.55
C ASP B 386 -8.64 18.68 11.67
N PHE B 387 -7.75 17.73 12.03
CA PHE B 387 -6.53 17.50 11.25
C PHE B 387 -6.88 16.97 9.84
N TYR B 388 -7.99 16.22 9.71
CA TYR B 388 -8.39 15.59 8.43
C TYR B 388 -8.63 16.68 7.38
N PRO B 389 -9.60 17.61 7.54
CA PRO B 389 -9.79 18.64 6.51
C PRO B 389 -8.61 19.60 6.41
N THR B 390 -7.90 19.85 7.50
CA THR B 390 -6.73 20.78 7.46
C THR B 390 -5.65 20.21 6.55
N ILE B 391 -5.27 18.95 6.72
CA ILE B 391 -4.21 18.36 5.88
C ILE B 391 -4.67 18.30 4.42
N LEU B 392 -5.94 18.01 4.13
CA LEU B 392 -6.39 17.97 2.72
C LEU B 392 -6.29 19.40 2.15
N GLU B 393 -6.64 20.40 2.94
CA GLU B 393 -6.53 21.83 2.48
C GLU B 393 -5.07 22.19 2.24
N MET B 394 -4.15 21.75 3.11
CA MET B 394 -2.69 21.99 2.93
C MET B 394 -2.23 21.38 1.60
N ALA B 395 -2.80 20.23 1.20
CA ALA B 395 -2.43 19.51 -0.04
C ALA B 395 -3.17 20.05 -1.27
N GLY B 396 -3.96 21.11 -1.11
CA GLY B 396 -4.61 21.81 -2.23
C GLY B 396 -5.86 21.06 -2.69
N ILE B 397 -6.38 20.17 -1.86
CA ILE B 397 -7.60 19.38 -2.22
C ILE B 397 -8.81 20.12 -1.66
N LYS B 398 -9.51 20.83 -2.53
CA LYS B 398 -10.63 21.75 -2.16
C LYS B 398 -11.94 20.96 -2.14
N LYS B 399 -12.03 19.89 -2.92
CA LYS B 399 -13.29 19.12 -3.12
C LYS B 399 -12.95 17.65 -2.97
N TYR B 400 -13.70 16.93 -2.13
CA TYR B 400 -13.49 15.49 -1.93
C TYR B 400 -14.80 14.82 -1.52
N LYS B 401 -14.95 13.57 -1.96
CA LYS B 401 -16.09 12.69 -1.65
C LYS B 401 -15.70 11.80 -0.48
N THR B 402 -16.58 11.68 0.51
CA THR B 402 -16.40 10.77 1.65
C THR B 402 -17.69 9.98 1.86
N VAL B 403 -17.57 8.78 2.42
CA VAL B 403 -18.78 7.97 2.73
C VAL B 403 -19.39 8.45 4.06
N GLN B 404 -18.57 9.02 4.94
CA GLN B 404 -18.96 9.49 6.28
C GLN B 404 -19.06 11.01 6.31
N PRO B 405 -19.88 11.58 7.21
CA PRO B 405 -19.80 13.00 7.48
C PRO B 405 -18.46 13.33 8.13
N ILE B 406 -17.93 14.50 7.82
CA ILE B 406 -16.66 15.01 8.40
C ILE B 406 -17.01 16.00 9.52
N ASP B 407 -16.64 15.65 10.74
CA ASP B 407 -16.90 16.48 11.95
C ASP B 407 -15.76 17.49 12.11
N GLY B 408 -14.61 17.20 11.55
CA GLY B 408 -13.43 18.09 11.60
C GLY B 408 -13.72 19.43 10.93
N ILE B 409 -13.15 20.49 11.49
CA ILE B 409 -13.19 21.87 10.96
C ILE B 409 -11.75 22.31 10.75
N SER B 410 -11.40 22.71 9.53
CA SER B 410 -10.05 23.17 9.18
C SER B 410 -9.57 24.23 10.18
N PHE B 411 -8.32 24.10 10.64
CA PHE B 411 -7.67 25.17 11.46
C PHE B 411 -6.71 25.98 10.58
N MET B 412 -6.86 25.89 9.25
N MET B 412 -6.83 25.89 9.25
CA MET B 412 -6.07 26.77 8.34
CA MET B 412 -6.01 26.77 8.36
C MET B 412 -6.21 28.22 8.78
C MET B 412 -6.19 28.23 8.78
N PRO B 413 -7.40 28.73 9.15
CA PRO B 413 -7.53 30.13 9.59
C PRO B 413 -6.77 30.46 10.88
N LEU B 414 -6.58 29.48 11.79
CA LEU B 414 -5.72 29.69 12.97
C LEU B 414 -4.26 29.78 12.50
N LEU B 415 -3.84 28.94 11.56
CA LEU B 415 -2.43 28.90 11.08
C LEU B 415 -2.07 30.24 10.40
N LYS B 416 -3.05 30.78 9.67
CA LYS B 416 -2.85 32.05 8.91
C LYS B 416 -3.24 33.27 9.75
N GLN B 417 -3.78 33.09 10.95
CA GLN B 417 -4.17 34.19 11.87
C GLN B 417 -5.21 35.09 11.21
N THR B 418 -6.19 34.51 10.52
CA THR B 418 -7.22 35.26 9.74
C THR B 418 -8.56 35.25 10.48
N ARG B 419 -8.95 34.13 11.08
CA ARG B 419 -10.17 34.07 11.94
C ARG B 419 -10.10 32.85 12.85
N ASN B 420 -11.04 32.76 13.79
CA ASN B 420 -11.12 31.68 14.80
C ASN B 420 -12.31 30.81 14.42
N PRO B 421 -12.09 29.68 13.71
CA PRO B 421 -13.19 28.82 13.25
C PRO B 421 -13.91 28.11 14.40
N SER B 422 -13.34 28.17 15.60
N SER B 422 -13.35 28.11 15.60
CA SER B 422 -13.85 27.53 16.85
CA SER B 422 -14.00 27.48 16.78
C SER B 422 -14.60 28.54 17.73
C SER B 422 -14.45 28.58 17.77
N LYS B 423 -14.77 29.79 17.28
CA LYS B 423 -15.55 30.78 18.07
C LYS B 423 -17.00 30.29 18.18
N GLY B 424 -17.52 30.15 19.39
CA GLY B 424 -18.87 29.63 19.66
C GLY B 424 -18.99 28.12 19.41
N ARG B 425 -17.88 27.41 19.19
CA ARG B 425 -17.90 25.97 18.82
C ARG B 425 -17.94 25.13 20.09
N SER B 426 -18.75 24.09 20.08
CA SER B 426 -18.76 23.04 21.14
C SER B 426 -17.87 21.87 20.72
N LEU B 427 -16.99 21.44 21.61
CA LEU B 427 -16.17 20.22 21.46
C LEU B 427 -16.78 19.13 22.35
N PHE B 428 -16.79 17.90 21.86
CA PHE B 428 -17.46 16.77 22.53
C PHE B 428 -16.51 15.58 22.66
N TRP B 429 -16.62 14.95 23.83
CA TRP B 429 -15.94 13.68 24.19
C TRP B 429 -17.00 12.68 24.66
N ASN B 430 -16.80 11.42 24.31
CA ASN B 430 -17.62 10.32 24.87
C ASN B 430 -16.71 9.15 25.20
N MET B 431 -16.78 8.69 26.46
N MET B 431 -16.77 8.70 26.45
CA MET B 431 -15.97 7.53 26.95
CA MET B 431 -15.99 7.51 26.89
C MET B 431 -16.89 6.65 27.78
C MET B 431 -16.88 6.64 27.76
N PRO B 432 -17.82 5.90 27.11
CA PRO B 432 -18.78 5.05 27.81
C PRO B 432 -18.13 3.70 28.12
N ASN B 433 -16.86 3.74 28.50
CA ASN B 433 -15.97 2.56 28.50
C ASN B 433 -15.23 2.48 29.82
N ASN B 434 -14.53 1.36 30.03
CA ASN B 434 -13.81 1.15 31.30
C ASN B 434 -12.36 0.78 30.97
N TRP B 435 -11.48 1.74 31.15
CA TRP B 435 -10.03 1.54 30.96
C TRP B 435 -9.50 0.70 32.13
N GLY B 436 -8.23 0.33 32.06
CA GLY B 436 -7.62 -0.59 33.02
C GLY B 436 -7.30 0.04 34.36
N ASN B 437 -7.46 1.35 34.50
CA ASN B 437 -7.14 2.09 35.74
C ASN B 437 -8.28 2.99 36.13
N ASP B 438 -8.41 3.25 37.43
CA ASP B 438 -9.31 4.27 37.98
C ASP B 438 -8.51 5.57 38.16
N GLY B 439 -9.23 6.68 38.17
CA GLY B 439 -8.64 7.98 38.53
C GLY B 439 -9.57 9.12 38.21
N PRO B 440 -9.12 10.35 38.53
CA PRO B 440 -9.91 11.56 38.35
C PRO B 440 -10.28 11.74 36.87
N GLY B 441 -11.58 11.80 36.58
CA GLY B 441 -12.16 11.97 35.23
C GLY B 441 -11.98 10.75 34.33
N ILE B 442 -11.62 9.57 34.88
CA ILE B 442 -11.41 8.34 34.08
C ILE B 442 -12.65 7.43 34.17
N ASN B 443 -13.13 7.00 33.01
CA ASN B 443 -14.13 5.95 32.74
C ASN B 443 -15.56 6.44 32.78
N PHE B 444 -16.39 5.84 31.95
CA PHE B 444 -17.88 5.96 31.98
C PHE B 444 -18.31 7.43 32.11
N ASN B 445 -17.87 8.24 31.17
CA ASN B 445 -18.25 9.68 31.20
C ASN B 445 -18.26 10.28 29.79
N CYS B 446 -18.86 11.45 29.69
CA CYS B 446 -18.84 12.25 28.45
C CYS B 446 -18.66 13.72 28.83
N ALA B 447 -18.32 14.57 27.86
CA ALA B 447 -18.08 15.99 28.19
C ALA B 447 -18.33 16.88 26.98
N VAL B 448 -18.62 18.13 27.31
CA VAL B 448 -18.67 19.23 26.30
C VAL B 448 -17.81 20.39 26.80
N ARG B 449 -17.06 20.97 25.86
CA ARG B 449 -16.33 22.24 26.08
C ARG B 449 -16.98 23.27 25.16
N LYS B 450 -17.41 24.40 25.72
CA LYS B 450 -17.93 25.52 24.91
C LYS B 450 -17.50 26.82 25.57
N GLY B 451 -16.73 27.63 24.84
CA GLY B 451 -16.14 28.86 25.42
C GLY B 451 -15.30 28.51 26.64
N ASP B 452 -15.56 29.18 27.75
CA ASP B 452 -14.74 29.06 28.98
C ASP B 452 -15.17 27.83 29.78
N TRP B 453 -16.28 27.20 29.41
CA TRP B 453 -16.98 26.22 30.27
C TRP B 453 -16.80 24.78 29.77
N LYS B 454 -16.57 23.88 30.71
CA LYS B 454 -16.46 22.42 30.43
C LYS B 454 -17.36 21.68 31.41
N LEU B 455 -18.30 20.90 30.86
CA LEU B 455 -19.21 20.05 31.65
C LEU B 455 -18.75 18.61 31.44
N ILE B 456 -18.52 17.89 32.53
CA ILE B 456 -18.25 16.42 32.49
C ILE B 456 -19.41 15.73 33.19
N TYR B 457 -20.00 14.74 32.52
CA TYR B 457 -21.13 13.94 33.02
C TYR B 457 -20.68 12.49 33.23
N TYR B 458 -20.93 11.97 34.43
CA TYR B 458 -20.58 10.59 34.82
C TYR B 458 -21.82 9.70 34.70
N TYR B 459 -21.80 8.76 33.75
CA TYR B 459 -22.97 7.91 33.41
C TYR B 459 -23.45 7.09 34.63
N GLY B 460 -22.52 6.61 35.45
CA GLY B 460 -22.87 5.69 36.56
C GLY B 460 -23.59 6.39 37.69
N THR B 461 -23.10 7.56 38.09
CA THR B 461 -23.55 8.28 39.31
C THR B 461 -24.49 9.43 38.95
N GLY B 462 -24.51 9.85 37.69
CA GLY B 462 -25.28 11.02 37.24
C GLY B 462 -24.60 12.33 37.63
N LYS B 463 -23.41 12.27 38.23
CA LYS B 463 -22.68 13.47 38.70
C LYS B 463 -22.32 14.36 37.50
N LYS B 464 -22.43 15.67 37.70
CA LYS B 464 -22.01 16.69 36.70
C LYS B 464 -20.98 17.62 37.34
N GLU B 465 -19.82 17.74 36.71
CA GLU B 465 -18.77 18.67 37.13
C GLU B 465 -18.69 19.79 36.10
N LEU B 466 -18.59 21.02 36.57
CA LEU B 466 -18.50 22.22 35.70
C LEU B 466 -17.23 22.98 36.07
N PHE B 467 -16.34 23.17 35.09
CA PHE B 467 -15.05 23.87 35.29
C PHE B 467 -14.97 25.04 34.32
N ASN B 468 -14.44 26.16 34.82
CA ASN B 468 -14.05 27.32 34.00
C ASN B 468 -12.57 27.14 33.67
N ILE B 469 -12.26 26.68 32.47
CA ILE B 469 -10.89 26.20 32.13
C ILE B 469 -9.90 27.37 32.15
N PRO B 470 -10.20 28.56 31.57
CA PRO B 470 -9.31 29.71 31.70
C PRO B 470 -9.00 30.07 33.16
N ASP B 471 -10.00 29.98 34.05
CA ASP B 471 -9.83 30.39 35.47
C ASP B 471 -9.19 29.28 36.29
N ASP B 472 -9.25 28.04 35.80
CA ASP B 472 -9.02 26.84 36.65
C ASP B 472 -8.48 25.69 35.79
N ILE B 473 -7.24 25.84 35.31
CA ILE B 473 -6.68 24.90 34.28
C ILE B 473 -6.52 23.51 34.89
N GLY B 474 -6.39 23.44 36.23
CA GLY B 474 -6.23 22.18 36.96
C GLY B 474 -7.55 21.54 37.37
N GLU B 475 -8.69 22.12 36.99
CA GLU B 475 -10.03 21.52 37.23
C GLU B 475 -10.13 21.14 38.72
N SER B 476 -9.84 22.08 39.60
CA SER B 476 -9.87 21.86 41.07
C SER B 476 -11.14 22.45 41.68
N ASN B 477 -11.92 23.25 40.93
CA ASN B 477 -13.03 24.06 41.47
C ASN B 477 -14.33 23.78 40.71
N ASP B 478 -15.06 22.74 41.11
CA ASP B 478 -16.35 22.34 40.49
C ASP B 478 -17.38 23.42 40.81
N LEU B 479 -17.87 24.11 39.78
CA LEU B 479 -18.77 25.28 39.90
C LEU B 479 -20.20 24.89 39.57
N SER B 480 -20.50 23.59 39.46
CA SER B 480 -21.82 23.11 38.98
C SER B 480 -22.92 23.61 39.91
N ALA B 481 -22.72 23.63 41.22
CA ALA B 481 -23.75 24.07 42.21
C ALA B 481 -23.98 25.59 42.06
N GLN B 482 -22.99 26.37 41.63
CA GLN B 482 -23.10 27.85 41.57
C GLN B 482 -23.72 28.28 40.24
N HIS B 483 -23.73 27.42 39.22
CA HIS B 483 -24.21 27.80 37.86
C HIS B 483 -25.18 26.74 37.30
N PRO B 484 -26.35 26.51 37.94
CA PRO B 484 -27.27 25.49 37.45
C PRO B 484 -27.76 25.76 36.03
N ASP B 485 -27.85 27.03 35.63
CA ASP B 485 -28.24 27.49 34.26
C ASP B 485 -27.24 26.93 33.24
N ILE B 486 -25.95 27.08 33.51
CA ILE B 486 -24.86 26.63 32.59
C ILE B 486 -24.89 25.10 32.53
N VAL B 487 -25.08 24.47 33.68
CA VAL B 487 -25.16 22.99 33.76
C VAL B 487 -26.32 22.52 32.86
N LYS B 488 -27.49 23.17 32.93
CA LYS B 488 -28.70 22.75 32.15
C LYS B 488 -28.42 22.94 30.65
N ARG B 489 -27.90 24.10 30.27
CA ARG B 489 -27.60 24.47 28.86
C ARG B 489 -26.59 23.48 28.27
N LEU B 490 -25.50 23.21 28.98
CA LEU B 490 -24.44 22.34 28.43
C LEU B 490 -24.91 20.87 28.46
N SER B 491 -25.73 20.48 29.43
CA SER B 491 -26.31 19.11 29.50
C SER B 491 -27.16 18.86 28.24
N LYS B 492 -27.97 19.84 27.84
CA LYS B 492 -28.81 19.76 26.62
C LYS B 492 -27.92 19.71 25.38
N GLU B 493 -26.88 20.55 25.31
CA GLU B 493 -25.93 20.55 24.17
C GLU B 493 -25.34 19.13 24.01
N LEU B 494 -24.88 18.57 25.12
CA LEU B 494 -24.16 17.28 25.17
C LEU B 494 -25.12 16.13 24.80
N GLY B 495 -26.28 16.05 25.43
CA GLY B 495 -27.28 15.00 25.17
C GLY B 495 -27.76 15.04 23.72
N THR B 496 -28.06 16.25 23.24
N THR B 496 -28.08 16.23 23.19
CA THR B 496 -28.53 16.51 21.85
CA THR B 496 -28.59 16.35 21.80
C THR B 496 -27.48 15.96 20.87
C THR B 496 -27.48 15.97 20.81
N TYR B 497 -26.22 16.31 21.08
CA TYR B 497 -25.10 15.94 20.18
C TYR B 497 -24.94 14.42 20.17
N LEU B 498 -24.92 13.80 21.36
CA LEU B 498 -24.67 12.34 21.47
C LEU B 498 -25.79 11.60 20.73
N ARG B 499 -27.05 12.01 20.89
CA ARG B 499 -28.16 11.36 20.14
C ARG B 499 -28.04 11.65 18.63
N LYS B 500 -27.64 12.86 18.25
CA LYS B 500 -27.54 13.26 16.82
C LYS B 500 -26.56 12.33 16.09
N VAL B 501 -25.44 11.99 16.73
CA VAL B 501 -24.37 11.18 16.08
C VAL B 501 -24.53 9.69 16.39
N ASP B 502 -25.65 9.29 17.00
N ASP B 502 -25.63 9.30 17.03
CA ASP B 502 -25.91 7.88 17.38
CA ASP B 502 -25.94 7.89 17.43
C ASP B 502 -24.76 7.37 18.27
C ASP B 502 -24.79 7.37 18.30
N ALA B 503 -24.33 8.20 19.23
CA ALA B 503 -23.30 7.86 20.22
C ALA B 503 -23.89 6.79 21.16
N GLN B 504 -23.01 6.14 21.91
CA GLN B 504 -23.38 5.01 22.78
C GLN B 504 -23.23 5.39 24.26
N ARG B 505 -23.87 4.62 25.12
CA ARG B 505 -23.83 4.85 26.57
C ARG B 505 -23.78 3.49 27.25
N PRO B 506 -23.25 3.46 28.47
CA PRO B 506 -23.21 2.22 29.24
C PRO B 506 -24.62 1.81 29.67
N THR B 507 -24.72 0.55 30.08
CA THR B 507 -25.96 -0.02 30.65
C THR B 507 -25.70 -0.40 32.11
N VAL B 508 -26.78 -0.45 32.90
CA VAL B 508 -26.75 -0.95 34.30
C VAL B 508 -26.89 -2.48 34.23
N LYS B 509 -25.85 -3.21 34.64
CA LYS B 509 -25.71 -4.68 34.50
C LYS B 509 -26.97 -5.41 34.96
N ALA B 510 -27.53 -5.01 36.10
CA ALA B 510 -28.66 -5.69 36.77
C ALA B 510 -29.83 -5.93 35.80
N THR B 511 -30.11 -5.01 34.86
CA THR B 511 -31.31 -5.08 33.99
C THR B 511 -31.02 -4.88 32.51
N GLY B 512 -29.89 -4.26 32.17
CA GLY B 512 -29.54 -3.93 30.77
C GLY B 512 -30.07 -2.59 30.33
N LYS B 513 -30.68 -1.81 31.24
N LYS B 513 -30.74 -1.83 31.21
CA LYS B 513 -31.23 -0.46 30.97
CA LYS B 513 -31.26 -0.51 30.80
C LYS B 513 -30.10 0.55 30.79
C LYS B 513 -30.09 0.46 30.71
N PRO B 514 -30.13 1.39 29.74
CA PRO B 514 -29.05 2.34 29.55
C PRO B 514 -29.00 3.36 30.70
N CYS B 515 -27.82 3.88 30.97
CA CYS B 515 -27.64 5.07 31.83
C CYS B 515 -28.32 6.25 31.14
N PRO B 516 -28.97 7.16 31.90
CA PRO B 516 -29.60 8.33 31.29
C PRO B 516 -28.58 9.21 30.56
N TRP B 517 -29.01 9.81 29.44
CA TRP B 517 -28.27 10.93 28.81
C TRP B 517 -28.18 12.09 29.80
N PRO B 518 -27.17 12.98 29.68
CA PRO B 518 -27.01 14.07 30.63
C PRO B 518 -28.20 15.04 30.71
N ASP B 519 -28.99 15.19 29.64
CA ASP B 519 -30.17 16.07 29.68
C ASP B 519 -31.43 15.30 30.11
N GLU B 520 -31.32 14.02 30.51
CA GLU B 520 -32.45 13.20 31.02
C GLU B 520 -32.37 13.14 32.55
N ILE B 521 -31.48 13.92 33.17
CA ILE B 521 -31.27 13.95 34.64
C ILE B 521 -30.96 15.38 35.05
N LYS B 522 -31.47 15.83 36.19
CA LYS B 522 -31.02 17.11 36.81
C LYS B 522 -29.48 17.09 36.89
O4 P6G C . 9.23 -8.30 -52.71
C5 P6G C . 8.45 -8.47 -51.52
C6 P6G C . 9.00 -7.57 -50.45
O7 P6G C . 7.99 -7.17 -49.52
C8 P6G C . 7.18 -6.08 -49.96
C9 P6G C . 7.83 -4.73 -49.72
O10 P6G C . 7.22 -3.74 -50.56
C11 P6G C . 7.04 -2.46 -49.96
C12 P6G C . 5.77 -1.84 -50.47
O13 P6G C . 4.77 -1.85 -49.47
C14 P6G C . 3.57 -1.14 -49.80
C15 P6G C . 3.74 0.34 -49.55
O16 P6G C . 2.71 0.83 -48.70
C1 G4S D . 17.12 -10.52 -18.85
C1 G4S D . 17.17 -10.70 -19.21
C2 G4S D . 16.30 -10.58 -20.13
C2 G4S D . 16.20 -10.72 -20.38
C3 G4S D . 15.45 -9.36 -20.29
C3 G4S D . 15.49 -9.41 -20.53
C4 G4S D . 14.64 -9.09 -19.03
C4 G4S D . 14.85 -9.03 -19.22
C5 G4S D . 15.54 -9.11 -17.79
C5 G4S D . 15.87 -8.99 -18.09
C6 G4S D . 14.76 -8.99 -16.50
C6 G4S D . 15.25 -8.70 -16.73
O1 G4S D . 17.84 -11.68 -18.67
O1 G4S D . 17.65 -11.99 -19.02
O2 G4S D . 17.13 -10.71 -21.28
O2 G4S D . 16.86 -11.04 -21.60
O3 G4S D . 14.58 -9.55 -21.41
O3 G4S D . 14.51 -9.53 -21.56
O4 G4S D . 13.60 -10.13 -18.92
O4 G4S D . 13.82 -10.05 -18.93
O5 G4S D . 16.25 -10.36 -17.73
O5 G4S D . 16.53 -10.27 -18.00
O6 G4S D . 13.87 -7.88 -16.56
O6 G4S D . 15.91 -9.42 -15.70
S G4S D . 12.08 -9.68 -19.04
S G4S D . 12.29 -9.64 -19.03
O7 G4S D . 11.96 -9.00 -20.30
O7 G4S D . 12.08 -9.14 -20.37
O8 G4S D . 11.83 -8.84 -17.89
O8 G4S D . 12.14 -8.62 -18.01
O9 G4S D . 11.32 -10.93 -18.98
O9 G4S D . 11.55 -10.85 -18.74
CA CA E . 8.83 -12.21 -19.50
O1 MES F . -1.74 -5.17 26.53
C2 MES F . -1.81 -4.88 27.93
C3 MES F . -0.44 -4.68 28.51
N4 MES F . 0.26 -3.54 27.81
C5 MES F . 0.26 -3.80 26.34
C6 MES F . -1.13 -4.08 25.83
C7 MES F . 1.65 -3.34 28.34
C8 MES F . 1.65 -2.52 29.61
S MES F . 3.10 -2.78 30.62
O1S MES F . 2.77 -2.17 31.89
O2S MES F . 4.23 -2.19 29.92
O3S MES F . 3.25 -4.20 30.78
OXT 15P G . -6.33 28.15 31.87
C1 15P G . -6.87 27.24 30.92
C2 15P G . -6.06 27.19 29.70
O1 15P G . -6.89 27.29 28.55
C3 15P G . -7.86 28.33 28.59
C4 15P G . -7.23 29.70 28.45
O2 15P G . -7.84 30.44 27.39
C5 15P G . -9.24 30.22 27.23
C6 15P G . -9.62 30.20 25.79
O3 15P G . -10.81 29.45 25.60
C7 15P G . -11.79 29.66 26.63
O1 MES H . -22.87 12.38 4.78
C2 MES H . -22.02 11.37 4.27
C3 MES H . -21.87 11.43 2.77
N4 MES H . -21.26 12.73 2.34
C5 MES H . -21.32 13.72 3.47
C6 MES H . -22.66 13.63 4.15
C7 MES H . -21.92 13.25 1.10
C8 MES H . -21.58 12.46 -0.14
S MES H . -20.18 13.15 -1.00
O1S MES H . -19.20 13.48 0.00
O2S MES H . -20.69 14.31 -1.70
O3S MES H . -19.73 12.12 -1.91
C1 G4S I . -1.82 -0.61 27.29
C2 G4S I . -2.61 0.65 27.63
C3 G4S I . -3.75 0.85 26.66
C4 G4S I . -3.28 0.71 25.22
C5 G4S I . -2.47 -0.56 24.99
C6 G4S I . -1.83 -0.63 23.62
O1 G4S I . -0.68 -0.76 28.09
O2 G4S I . -3.14 0.62 28.95
O3 G4S I . -4.34 2.13 26.88
O4 G4S I . -2.41 1.87 24.91
O5 G4S I . -1.39 -0.59 25.92
O6 G4S I . -2.77 -0.44 22.53
S G4S I . -2.98 2.95 23.84
O7 G4S I . -1.93 3.97 23.83
O8 G4S I . -4.24 3.42 24.38
O9 G4S I . -3.09 2.26 22.60
CA CA J . -1.57 6.78 23.22
CL CL K . -4.11 2.75 -2.56
#